data_5ODF
#
_entry.id   5ODF
#
loop_
_entity.id
_entity.type
_entity.pdbx_description
1 polymer "DNA (5'-D(*CP*GP*AP*TP*GP*TP*AP*CP*AP*TP*CP*G)-3')"
2 non-polymer 'NtMe polyamide'
#
_entity_poly.entity_id   1
_entity_poly.type   'polydeoxyribonucleotide'
_entity_poly.pdbx_seq_one_letter_code
;(DCZ)(DG)(DA)(DT)(DG)(DT)(DA)(DC)(DA)(DT)(DC)(DG)
;
_entity_poly.pdbx_strand_id   A,B
#
loop_
_chem_comp.id
_chem_comp.type
_chem_comp.name
_chem_comp.formula
CWN non-polymer 'NtMe polyamide' 'C58 H71 N20 O10 S 1'
DA DNA linking 2'-DEOXYADENOSINE-5'-MONOPHOSPHATE 'C10 H14 N5 O6 P'
DC DNA linking 2'-DEOXYCYTIDINE-5'-MONOPHOSPHATE 'C9 H14 N3 O7 P'
DCZ DNA OH 5 prime terminus 2'-DEOXYCYTIDINE 'C9 H13 N3 O4'
DG DNA linking 2'-DEOXYGUANOSINE-5'-MONOPHOSPHATE 'C10 H14 N5 O7 P'
DT DNA linking THYMIDINE-5'-MONOPHOSPHATE 'C10 H15 N2 O8 P'
#
# COMPACT_ATOMS: atom_id res chain seq x y z
N1 DCZ A 1 3.04 -18.09 -5.58
C2 DCZ A 1 1.90 -18.88 -5.31
N3 DCZ A 1 1.15 -18.68 -4.20
C4 DCZ A 1 1.53 -17.73 -3.37
C5 DCZ A 1 2.68 -16.92 -3.55
C6 DCZ A 1 3.41 -17.12 -4.67
O2 DCZ A 1 1.55 -19.78 -6.08
N4 DCZ A 1 0.75 -17.55 -2.34
C1' DCZ A 1 3.76 -18.24 -6.86
C2' DCZ A 1 3.52 -17.05 -7.80
C3' DCZ A 1 4.86 -16.32 -7.84
C4' DCZ A 1 5.80 -17.52 -7.66
O4' DCZ A 1 5.17 -18.32 -6.67
O3' DCZ A 1 5.05 -15.65 -9.07
C5' DCZ A 1 7.25 -17.15 -7.27
O5' DCZ A 1 7.36 -16.38 -6.08
H5 DCZ A 1 2.97 -16.15 -2.85
H6 DCZ A 1 4.30 -16.52 -4.87
HN41 DCZ A 1 -0.07 -18.14 -2.26
HN42 DCZ A 1 0.94 -16.80 -1.69
H1' DCZ A 1 3.42 -19.15 -7.38
H2'1 DCZ A 1 2.73 -16.39 -7.43
H2'2 DCZ A 1 3.27 -17.42 -8.79
H3' DCZ A 1 4.95 -15.65 -6.97
H4' DCZ A 1 5.83 -18.07 -8.60
H5'1 DCZ A 1 7.81 -18.09 -7.14
H5'2 DCZ A 1 7.71 -16.60 -8.10
HO51 DCZ A 1 7.14 -15.44 -6.27
N1 DCZ B 1 -13.58 16.79 -4.65
C2 DCZ B 1 -13.43 16.61 -6.04
N3 DCZ B 1 -13.07 17.64 -6.84
C4 DCZ B 1 -12.87 18.81 -6.29
C5 DCZ B 1 -12.99 19.07 -4.90
C6 DCZ B 1 -13.34 18.03 -4.11
O2 DCZ B 1 -13.62 15.51 -6.56
N4 DCZ B 1 -12.54 19.77 -7.12
C1' DCZ B 1 -13.99 15.65 -3.79
C2' DCZ B 1 -12.84 15.07 -2.96
C3' DCZ B 1 -13.57 14.47 -1.76
C4' DCZ B 1 -14.72 15.49 -1.58
O4' DCZ B 1 -14.99 16.07 -2.86
O3' DCZ B 1 -14.13 13.19 -2.01
C5' DCZ B 1 -14.47 16.58 -0.51
O5' DCZ B 1 -13.27 17.34 -0.63
H5 DCZ B 1 -12.82 20.05 -4.48
H6 DCZ B 1 -13.46 18.18 -3.03
HN41 DCZ B 1 -12.47 19.54 -8.10
HN42 DCZ B 1 -12.37 20.70 -6.77
H1' DCZ B 1 -14.41 14.84 -4.41
H2'1 DCZ B 1 -12.17 15.86 -2.63
H2'2 DCZ B 1 -12.29 14.31 -3.52
H3' DCZ B 1 -12.94 14.46 -0.87
H4' DCZ B 1 -15.61 14.94 -1.25
H5'1 DCZ B 1 -15.32 17.27 -0.52
H5'2 DCZ B 1 -14.46 16.09 0.47
HO51 DCZ B 1 -13.20 17.98 0.10
C31 CWN C . 6.39 0.63 2.94
C32 CWN C . 6.81 1.39 1.73
C33 CWN C . 6.12 1.78 0.59
C34 CWN C . 7.00 2.58 -0.19
C35 CWN C . 8.19 2.69 0.47
O31 CWN C . 7.14 0.51 3.91
O21 CWN C . 2.16 -3.05 7.12
C21 CWN C . 2.29 -2.89 5.91
O11 CWN C . -3.37 -7.01 5.02
C03 CWN C . -6.38 -10.36 -2.21
C04 CWN C . -5.63 -9.33 -1.35
C05 CWN C . -6.52 -8.18 -0.87
N02 CWN C . -5.69 -7.21 -0.16
N01 CWN C . -5.47 -11.51 -2.64
C01 CWN C . -6.16 -12.34 -3.73
C02 CWN C . -5.13 -12.40 -1.46
C11 CWN C . -2.37 -6.66 4.41
N03 CWN C . -2.28 -6.86 3.06
C14 CWN C . 0.51 -4.52 5.31
N11 CWN C . -1.11 -5.64 6.37
C13 CWN C . -0.18 -5.31 4.36
N12 CWN C . 1.54 -3.64 5.01
C15 CWN C . -0.06 -4.75 6.55
N21 CWN C . 4.14 -1.21 6.15
O41 CWN C . 8.79 3.83 -2.04
CM1 CWN C . -1.90 -6.14 7.51
N22 CWN C . 5.13 0.03 2.94
O91 CWN C . 5.41 7.04 -7.37
C12 CWN C . -1.23 -5.93 5.00
N31 CWN C . 8.10 1.94 1.62
O51 CWN C . 5.79 9.70 -4.92
O61 CWN C . 7.74 6.08 0.89
C24 CWN C . 4.55 -0.57 4.05
N32 CWN C . 6.69 3.20 -1.41
O71 CWN C . 4.19 3.18 6.13
C25 CWN C . 4.92 -0.38 5.36
N41 CWN C . 7.80 5.13 -4.42
O81 CWN C . -1.25 -1.06 7.52
CM2 CWN C . 4.30 -1.27 7.61
N42 CWN C . 5.69 4.73 -3.76
C22 CWN C . 3.27 -1.93 5.33
N43 CWN C . 4.57 5.99 -5.53
C23 CWN C . 3.50 -1.52 4.03
N91 CWN C . 3.78 8.89 -4.30
N51 CWN C . 7.05 8.14 -2.74
N52 CWN C . 5.69 6.13 -0.10
CM3 CWN C . 9.25 1.72 2.51
N61 CWN C . 6.68 4.66 3.18
N62 CWN C . 3.66 2.90 3.93
C41 CWN C . 7.58 3.85 -2.27
N71 CWN C . 2.03 1.54 7.03
C42 CWN C . 6.98 4.54 -3.47
C43 CWN C . 5.70 5.48 -4.92
N72 CWN C . -0.31 -0.68 5.48
C44 CWN C . 6.97 5.73 -5.33
CM4 CWN C . 9.27 5.15 -4.50
C91 CWN C . 4.47 6.81 -6.62
C08 CWN C . -3.35 -7.49 2.26
C51 CWN C . 5.14 9.03 -4.14
C54 CWN C . 5.99 6.94 -1.19
C53 CWN C . 5.01 7.53 -2.03
C55 CWN C . 7.23 7.32 -1.64
CM5 CWN C . 8.15 8.75 -3.49
C52 CWN C . 5.67 8.26 -2.99
C61 CWN C . 6.56 5.73 0.91
C63 CWN C . 4.76 4.25 2.12
C64 CWN C . 4.72 3.62 3.39
C65 CWN C . 5.93 3.86 4.01
CM6 CWN C . 8.00 5.18 3.57
C62 CWN C . 5.97 4.90 2.00
C71 CWN C . 3.48 2.64 5.29
C74 CWN C . 0.69 0.22 5.85
C75 CWN C . 0.98 0.63 7.11
CM7 CWN C . 2.60 2.19 8.23
C72 CWN C . 2.38 1.72 5.69
C81 CWN C . -1.22 -1.31 6.33
C92 CWN C . 3.09 7.44 -6.85
C93 CWN C . 3.12 8.99 -6.76
C94 CWN C . 2.98 9.57 -5.34
C73 CWN C . 1.57 0.89 4.95
C07 CWN C . -4.37 -6.45 1.76
C06 CWN C . -5.62 -7.13 1.22
O01 CWN C . -6.46 -7.63 1.94
C82 CWN C . -2.20 -2.23 5.66
C84 CWN C . -3.28 -2.80 6.31
CM8 CWN C . -3.65 -2.60 7.76
S81 CWN C . -4.29 -3.75 5.27
C83 CWN C . -3.14 -3.42 4.01
N81 CWN C . -2.13 -2.61 4.33
H33 CWN C . 5.09 1.55 0.34
H35 CWN C . 9.10 3.23 0.22
H031 CWN C . -7.22 -10.78 -1.65
H032 CWN C . -6.77 -9.86 -3.10
H042 CWN C . -4.81 -8.91 -1.95
H041 CWN C . -5.17 -9.81 -0.47
H052 CWN C . -7.32 -8.56 -0.22
H051 CWN C . -6.99 -7.69 -1.73
HN02 CWN C . -4.91 -6.78 -0.66
HN01 CWN C . -4.58 -11.10 -3.05
H004 CWN C . -6.41 -11.69 -4.58
H005 CWN C . -7.08 -12.77 -3.32
H006 CWN C . -5.49 -13.14 -4.05
H001 CWN C . -4.48 -13.20 -1.79
H002 CWN C . -6.05 -12.82 -1.03
H003 CWN C . -4.61 -11.81 -0.69
HN03 CWN C . -1.40 -6.63 2.62
H13 CWN C . 0.04 -5.34 3.30
HN1 CWN C . 1.80 -3.51 4.03
H15 CWN C . 0.18 -4.33 7.52
H112 CWN C . -1.22 -6.68 8.19
H111 CWN C . -2.69 -6.81 7.21
H113 CWN C . -2.33 -5.29 8.07
HN2 CWN C . 4.69 -0.02 2.04
HN3 CWN C . 5.73 3.15 -1.75
H25 CWN C . 5.66 0.28 5.79
H223 CWN C . 3.36 -0.98 8.10
H222 CWN C . 5.10 -0.59 7.94
H221 CWN C . 4.57 -2.29 7.90
HN4 CWN C . 3.69 5.76 -5.07
H23 CWN C . 2.99 -1.88 3.14
HN9 CWN C . 3.29 8.40 -3.56
HN5 CWN C . 4.72 5.88 0.07
H332 CWN C . 10.16 2.15 2.06
H331 CWN C . 9.41 0.65 2.65
H333 CWN C . 9.08 2.20 3.48
HN6 CWN C . 2.90 2.59 3.34
HN7 CWN C . -0.44 -0.90 4.50
H44 CWN C . 7.34 6.29 -6.18
H443 CWN C . 9.68 5.69 -3.64
H442 CWN C . 9.59 5.66 -5.42
H441 CWN C . 9.66 4.13 -4.51
H081 CWN C . -2.90 -8.00 1.40
H082 CWN C . -3.86 -8.24 2.88
H53 CWN C . 3.94 7.43 -1.92
H55 CWN C . 8.21 7.07 -1.26
H553 CWN C . 8.09 9.84 -3.44
H551 CWN C . 8.11 8.42 -4.54
H552 CWN C . 9.11 8.43 -3.06
H63 CWN C . 3.96 4.22 1.38
H65 CWN C . 6.29 3.53 4.98
H663 CWN C . 8.20 4.94 4.62
H661 CWN C . 8.01 6.27 3.45
H662 CWN C . 8.78 4.74 2.95
H75 CWN C . 0.56 0.35 8.06
H771 CWN C . 2.51 3.27 8.14
H773 CWN C . 3.66 1.91 8.31
H772 CWN C . 2.08 1.86 9.13
H921 CWN C . 2.78 7.19 -7.87
H922 CWN C . 2.34 7.03 -6.17
H932 CWN C . 2.31 9.40 -7.37
H931 CWN C . 4.05 9.36 -7.22
H942 CWN C . 1.93 9.52 -5.06
H943 CWN C . 3.27 10.62 -5.39
H73 CWN C . 1.59 0.75 3.87
H072 CWN C . -4.69 -5.80 2.58
H071 CWN C . -3.92 -5.82 0.99
H883 CWN C . -2.85 -2.95 8.43
H881 CWN C . -4.56 -3.16 8.03
H882 CWN C . -3.86 -1.54 7.98
H83 CWN C . -3.29 -3.87 3.04
N1 DCZ A 1 3.02 -18.05 -5.83
C2 DCZ A 1 2.00 -18.84 -5.23
N3 DCZ A 1 1.53 -18.53 -4.00
C4 DCZ A 1 2.06 -17.51 -3.36
C5 DCZ A 1 3.15 -16.74 -3.86
C6 DCZ A 1 3.60 -17.04 -5.11
O2 DCZ A 1 1.51 -19.80 -5.82
N4 DCZ A 1 1.51 -17.21 -2.22
C1' DCZ A 1 3.34 -18.26 -7.27
C2' DCZ A 1 3.24 -16.97 -8.09
C3' DCZ A 1 4.69 -16.62 -8.41
C4' DCZ A 1 5.25 -18.03 -8.55
O4' DCZ A 1 4.68 -18.73 -7.45
O3' DCZ A 1 4.81 -15.83 -9.59
C5' DCZ A 1 6.79 -18.13 -8.56
O5' DCZ A 1 7.40 -17.59 -7.38
H5 DCZ A 1 3.58 -15.92 -3.30
H6 DCZ A 1 4.41 -16.47 -5.54
HN41 DCZ A 1 0.71 -17.73 -1.93
HN42 DCZ A 1 1.79 -16.35 -1.76
H1' DCZ A 1 2.64 -18.99 -7.70
H2'1 DCZ A 1 2.73 -16.16 -7.56
H2'2 DCZ A 1 2.69 -17.18 -9.01
H3' DCZ A 1 5.17 -16.12 -7.56
H4' DCZ A 1 4.87 -18.47 -9.48
H5'1 DCZ A 1 7.06 -19.17 -8.66
H5'2 DCZ A 1 7.15 -17.59 -9.44
HO51 DCZ A 1 8.36 -17.71 -7.44
N1 DCZ B 1 -15.18 17.15 -3.47
C2 DCZ B 1 -15.36 17.36 -4.84
N3 DCZ B 1 -15.37 18.63 -5.34
C4 DCZ B 1 -15.20 19.63 -4.50
C5 DCZ B 1 -15.04 19.48 -3.10
C6 DCZ B 1 -15.04 18.21 -2.62
O2 DCZ B 1 -15.53 16.44 -5.63
N4 DCZ B 1 -15.17 20.82 -5.05
C1' DCZ B 1 -15.07 15.74 -2.94
C2' DCZ B 1 -13.63 15.39 -2.60
C3' DCZ B 1 -13.83 14.29 -1.55
C4' DCZ B 1 -15.08 14.79 -0.83
O4' DCZ B 1 -15.81 15.60 -1.74
O3' DCZ B 1 -14.09 13.02 -2.15
C5' DCZ B 1 -14.78 15.55 0.49
O5' DCZ B 1 -13.90 16.66 0.33
H5 DCZ B 1 -14.92 20.31 -2.43
H6 DCZ B 1 -14.91 18.03 -1.55
HN41 DCZ B 1 -15.26 20.88 -6.05
HN42 DCZ B 1 -15.03 21.63 -4.47
H1' DCZ B 1 -15.45 15.03 -3.68
H2'1 DCZ B 1 -13.11 16.24 -2.16
H2'2 DCZ B 1 -13.07 15.03 -3.47
H3' DCZ B 1 -12.97 14.25 -0.86
H4' DCZ B 1 -15.69 13.91 -0.56
H5'1 DCZ B 1 -15.74 15.90 0.90
H5'2 DCZ B 1 -14.36 14.85 1.20
HO51 DCZ B 1 -13.73 17.06 1.21
C31 CWN C . 6.34 0.96 2.90
C32 CWN C . 6.70 1.63 1.62
C33 CWN C . 5.91 2.15 0.62
C34 CWN C . 6.76 2.88 -0.25
C35 CWN C . 8.06 2.70 0.16
O31 CWN C . 7.13 0.89 3.84
O21 CWN C . 2.37 -2.81 7.26
C21 CWN C . 2.45 -2.62 6.05
O11 CWN C . -3.12 -6.91 5.42
C03 CWN C . -6.17 -10.47 -1.81
C04 CWN C . -5.46 -9.50 -0.85
C05 CWN C . -6.39 -8.40 -0.32
N02 CWN C . -5.60 -7.41 0.41
N01 CWN C . -5.22 -11.47 -2.44
C01 CWN C . -5.92 -12.20 -3.59
C02 CWN C . -4.74 -12.49 -1.41
C11 CWN C . -2.18 -6.50 4.74
N03 CWN C . -2.16 -6.68 3.38
C14 CWN C . 0.66 -4.26 5.51
N11 CWN C . -0.92 -5.38 6.62
C13 CWN C . -0.04 -5.06 4.59
N12 CWN C . 1.67 -3.36 5.17
C15 CWN C . 0.13 -4.47 6.76
N21 CWN C . 4.24 -0.85 6.23
O41 CWN C . 8.30 4.79 -1.74
CM1 CWN C . -1.75 -5.84 7.74
N22 CWN C . 5.08 0.39 2.98
O91 CWN C . 4.59 7.45 -7.14
C12 CWN C . -1.04 -5.70 5.27
N31 CWN C . 8.03 1.94 1.31
O51 CWN C . 5.18 10.12 -4.51
O61 CWN C . 7.33 6.51 1.28
C24 CWN C . 4.55 -0.22 4.12
N32 CWN C . 6.35 3.66 -1.33
O71 CWN C . 3.96 3.36 6.42
C25 CWN C . 4.96 0.00 5.41
N41 CWN C . 7.20 5.99 -4.12
O81 CWN C . -1.33 -1.09 7.84
CM2 CWN C . 4.43 -0.91 7.68
N42 CWN C . 5.16 5.21 -3.54
C22 CWN C . 3.36 -1.61 5.43
N43 CWN C . 3.89 6.37 -5.25
C23 CWN C . 3.53 -1.21 4.14
N91 CWN C . 3.22 9.17 -3.92
N51 CWN C . 6.50 8.73 -2.24
N52 CWN C . 5.29 6.47 0.27
CM3 CWN C . 9.26 1.49 1.99
N61 CWN C . 6.43 4.84 3.45
N62 CWN C . 3.43 3.04 4.23
C41 CWN C . 7.14 4.55 -2.06
N71 CWN C . 1.82 1.68 7.33
C42 CWN C . 6.45 5.22 -3.23
C43 CWN C . 5.06 6.01 -4.65
N72 CWN C . -0.40 -0.67 5.79
C44 CWN C . 6.29 6.52 -5.01
CM4 CWN C . 8.65 6.21 -4.20
C91 CWN C . 3.71 7.19 -6.33
C08 CWN C . -3.21 -7.40 2.66
C51 CWN C . 4.56 9.39 -3.74
C54 CWN C . 5.54 7.33 -0.80
C53 CWN C . 4.55 7.84 -1.66
C55 CWN C . 6.75 7.88 -1.17
CM5 CWN C . 7.55 9.55 -2.88
C52 CWN C . 5.15 8.67 -2.58
C61 CWN C . 6.19 6.07 1.26
C63 CWN C . 4.47 4.48 2.43
C64 CWN C . 4.47 3.80 3.68
C65 CWN C . 5.69 4.03 4.27
CM6 CWN C . 7.78 5.31 3.81
C62 CWN C . 5.67 5.15 2.31
C71 CWN C . 3.26 2.79 5.59
C74 CWN C . 0.56 0.27 6.15
C75 CWN C . 0.83 0.72 7.42
CM7 CWN C . 2.31 2.42 8.51
C72 CWN C . 2.19 1.83 6.00
C81 CWN C . -1.31 -1.30 6.63
C92 CWN C . 2.31 7.80 -6.46
C93 CWN C . 2.35 9.35 -6.32
C94 CWN C . 2.37 9.89 -4.88
C73 CWN C . 1.44 0.94 5.26
C07 CWN C . -4.40 -6.49 2.34
C06 CWN C . -5.57 -7.29 1.77
O01 CWN C . -6.40 -7.83 2.49
C82 CWN C . -2.28 -2.24 5.94
C84 CWN C . -3.35 -2.83 6.59
CM8 CWN C . -3.75 -2.63 8.03
S81 CWN C . -4.33 -3.81 5.53
C83 CWN C . -3.18 -3.41 4.27
N81 CWN C . -2.21 -2.59 4.60
H33 CWN C . 4.83 2.13 0.57
H35 CWN C . 8.98 3.06 -0.27
H031 CWN C . -6.96 -11.02 -1.28
H032 CWN C . -6.63 -9.89 -2.61
H042 CWN C . -4.63 -9.03 -1.38
H041 CWN C . -5.02 -10.05 0.00
H052 CWN C . -7.16 -8.84 0.34
H051 CWN C . -6.89 -7.92 -1.16
HN02 CWN C . -4.86 -6.92 -0.11
HN01 CWN C . -4.39 -10.96 -2.83
H004 CWN C . -5.22 -12.90 -4.06
H005 CWN C . -6.26 -11.48 -4.34
H006 CWN C . -6.78 -12.75 -3.20
H001 CWN C . -5.61 -13.02 -0.99
H002 CWN C . -4.21 -11.97 -0.60
H003 CWN C . -4.07 -13.21 -1.88
HN03 CWN C . -1.33 -6.37 2.89
H13 CWN C . 0.15 -5.11 3.52
HN1 CWN C . 1.88 -3.22 4.19
H15 CWN C . 0.38 -4.04 7.73
H112 CWN C . -1.73 -6.93 7.81
H111 CWN C . -2.79 -5.51 7.61
H113 CWN C . -1.37 -5.42 8.69
HN2 CWN C . 4.61 0.31 2.09
HN3 CWN C . 5.39 3.59 -1.65
H25 CWN C . 5.70 0.68 5.80
H223 CWN C . 4.76 -1.91 7.98
H222 CWN C . 3.49 -0.67 8.19
H221 CWN C . 5.19 -0.18 7.99
HN4 CWN C . 3.05 6.05 -4.80
H23 CWN C . 3.00 -1.58 3.26
HN9 CWN C . 2.77 8.61 -3.19
HN5 CWN C . 4.34 6.13 0.41
H332 CWN C . 10.09 1.47 1.27
H331 CWN C . 9.13 0.49 2.38
H333 CWN C . 9.51 2.19 2.81
HN6 CWN C . 2.69 2.71 3.63
HN7 CWN C . -0.54 -0.88 4.81
H44 CWN C . 6.57 7.19 -5.80
H443 CWN C . 9.16 5.23 -4.23
H442 CWN C . 8.99 6.77 -3.32
H441 CWN C . 8.90 6.77 -5.10
H081 CWN C . -2.79 -7.81 1.73
H082 CWN C . -3.54 -8.26 3.27
H53 CWN C . 3.49 7.61 -1.61
H55 CWN C . 7.74 7.75 -0.76
H553 CWN C . 8.46 9.55 -2.26
H551 CWN C . 7.21 10.58 -3.00
H552 CWN C . 7.81 9.13 -3.87
H63 CWN C . 3.65 4.48 1.73
H65 CWN C . 6.08 3.67 5.23
H663 CWN C . 8.07 4.91 4.78
H661 CWN C . 7.78 6.41 3.85
H662 CWN C . 8.50 4.97 3.05
H75 CWN C . 0.38 0.44 8.37
H771 CWN C . 1.74 2.11 9.41
H773 CWN C . 2.16 3.49 8.35
H772 CWN C . 3.36 2.19 8.68
H921 CWN C . 1.92 7.56 -7.45
H922 CWN C . 1.61 7.37 -5.73
H932 CWN C . 1.47 9.78 -6.83
H931 CWN C . 3.23 9.74 -6.86
H942 CWN C . 1.35 9.89 -4.49
H943 CWN C . 2.70 10.93 -4.93
H73 CWN C . 1.48 0.79 4.18
H072 CWN C . -4.75 -5.99 3.24
H071 CWN C . -4.10 -5.72 1.62
H883 CWN C . -4.68 -3.16 8.26
H881 CWN C . -3.93 -1.57 8.25
H882 CWN C . -2.98 -3.00 8.71
H83 CWN C . -3.32 -3.85 3.30
N1 DCZ A 1 1.89 -18.46 -6.85
C2 DCZ A 1 0.59 -19.00 -6.73
N3 DCZ A 1 -0.18 -18.72 -5.65
C4 DCZ A 1 0.32 -17.95 -4.71
C5 DCZ A 1 1.63 -17.40 -4.75
C6 DCZ A 1 2.39 -17.68 -5.83
O2 DCZ A 1 0.12 -19.72 -7.60
N4 DCZ A 1 -0.46 -17.69 -3.70
C1' DCZ A 1 2.64 -18.62 -8.12
C2' DCZ A 1 2.76 -17.30 -8.87
C3' DCZ A 1 4.23 -16.94 -8.81
C4' DCZ A 1 4.82 -18.36 -8.84
O4' DCZ A 1 3.99 -19.07 -7.93
O3' DCZ A 1 4.62 -16.14 -9.92
C5' DCZ A 1 6.31 -18.45 -8.45
O5' DCZ A 1 6.56 -18.02 -7.11
H5 DCZ A 1 2.02 -16.78 -3.95
H6 DCZ A 1 3.40 -17.28 -5.91
HN41 DCZ A 1 -1.39 -18.11 -3.68
HN42 DCZ A 1 -0.13 -17.11 -2.95
H1' DCZ A 1 2.12 -19.34 -8.77
H2'1 DCZ A 1 2.15 -16.51 -8.41
H2'2 DCZ A 1 2.45 -17.45 -9.91
H3' DCZ A 1 4.49 -16.47 -7.85
H4' DCZ A 1 4.69 -18.77 -9.84
H5'1 DCZ A 1 6.64 -19.48 -8.58
H5'2 DCZ A 1 6.87 -17.82 -9.14
HO51 DCZ A 1 6.08 -18.62 -6.50
N1 DCZ B 1 -16.53 16.29 -3.96
C2 DCZ B 1 -16.02 16.62 -5.23
N3 DCZ B 1 -16.01 17.91 -5.65
C4 DCZ B 1 -16.49 18.84 -4.85
C5 DCZ B 1 -17.03 18.57 -3.56
C6 DCZ B 1 -17.04 17.28 -3.15
O2 DCZ B 1 -15.58 15.77 -6.00
N4 DCZ B 1 -16.42 20.06 -5.29
C1' DCZ B 1 -16.40 14.89 -3.45
C2' DCZ B 1 -15.15 14.75 -2.58
C3' DCZ B 1 -15.52 13.59 -1.65
C4' DCZ B 1 -17.03 13.83 -1.46
O4' DCZ B 1 -17.50 14.53 -2.62
O3' DCZ B 1 -15.33 12.31 -2.26
C5' DCZ B 1 -17.38 14.59 -0.18
O5' DCZ B 1 -16.71 15.84 -0.02
H5 DCZ B 1 -17.42 19.34 -2.92
H6 DCZ B 1 -17.43 17.01 -2.18
HN41 DCZ B 1 -16.01 20.21 -6.19
HN42 DCZ B 1 -16.75 20.81 -4.71
H1' DCZ B 1 -16.33 14.19 -4.29
H2'1 DCZ B 1 -14.98 15.66 -1.98
H2'2 DCZ B 1 -14.26 14.55 -3.18
H3' DCZ B 1 -15.00 13.66 -0.70
H4' DCZ B 1 -17.53 12.87 -1.41
H5'1 DCZ B 1 -18.46 14.76 -0.18
H5'2 DCZ B 1 -17.15 13.95 0.67
HO51 DCZ B 1 -16.99 16.25 0.83
C31 CWN C . 6.08 1.45 3.88
C32 CWN C . 6.51 2.17 2.65
C33 CWN C . 5.83 2.48 1.49
C34 CWN C . 6.70 3.28 0.70
C35 CWN C . 7.88 3.46 1.37
O31 CWN C . 6.79 1.40 4.88
O21 CWN C . 1.72 -1.98 8.12
C21 CWN C . 1.92 -1.92 6.91
O11 CWN C . -3.31 -6.57 6.13
C03 CWN C . -6.40 -9.89 -1.37
C04 CWN C . -5.69 -9.09 -0.28
C05 CWN C . -6.57 -7.94 0.28
N02 CWN C . -5.74 -7.03 1.08
N01 CWN C . -5.46 -10.80 -2.15
C01 CWN C . -6.17 -11.35 -3.38
C02 CWN C . -5.00 -11.95 -1.25
C11 CWN C . -2.38 -6.11 5.49
N03 CWN C . -2.27 -6.31 4.14
C14 CWN C . 0.27 -3.68 6.35
N11 CWN C . -1.31 -4.84 7.40
C13 CWN C . -0.31 -4.56 5.42
N12 CWN C . 1.27 -2.75 6.04
C15 CWN C . -0.33 -3.86 7.56
N21 CWN C . 3.65 -0.09 7.11
O41 CWN C . 8.46 4.58 -1.16
CM1 CWN C . -2.20 -5.29 8.48
N22 CWN C . 4.83 0.84 3.87
O91 CWN C . 4.84 7.27 -6.66
C12 CWN C . -1.33 -5.23 6.06
N31 CWN C . 7.79 2.74 2.56
O51 CWN C . 5.45 10.06 -4.45
O61 CWN C . 7.24 6.92 1.70
C24 CWN C . 4.20 0.31 4.99
N32 CWN C . 6.39 3.83 -0.55
O71 CWN C . 3.54 4.12 6.87
C25 CWN C . 4.47 0.67 6.28
N41 CWN C . 7.42 5.72 -3.60
O81 CWN C . -1.81 -0.26 8.21
CM2 CWN C . 3.64 0.06 8.56
N42 CWN C . 5.34 5.19 -2.93
C22 CWN C . 2.88 -0.95 6.31
N43 CWN C . 4.13 6.30 -4.71
C23 CWN C . 3.19 -0.68 5.00
N91 CWN C . 3.41 9.32 -3.80
N51 CWN C . 6.64 8.75 -2.08
N52 CWN C . 5.25 6.81 0.60
CM3 CWN C . 8.92 2.60 3.48
N61 CWN C . 6.18 5.47 3.97
N62 CWN C . 3.15 3.69 4.66
C41 CWN C . 7.26 4.50 -1.40
N71 CWN C . 1.25 2.61 7.69
C42 CWN C . 6.63 5.10 -2.63
C43 CWN C . 5.29 5.90 -4.11
N72 CWN C . -0.76 0.05 6.20
C44 CWN C . 6.54 6.23 -4.53
CM4 CWN C . 8.88 5.85 -3.68
C91 CWN C . 3.95 7.03 -5.86
C08 CWN C . -3.23 -7.09 3.38
C51 CWN C . 4.77 9.45 -3.64
C54 CWN C . 5.57 7.57 -0.53
C53 CWN C . 4.61 8.04 -1.46
C55 CWN C . 6.81 8.01 -0.93
CM5 CWN C . 7.75 9.40 -2.80
C52 CWN C . 5.29 8.77 -2.42
C61 CWN C . 6.09 6.50 1.66
C63 CWN C . 4.29 5.01 2.85
C64 CWN C . 4.22 4.42 4.14
C65 CWN C . 5.39 4.69 4.80
CM6 CWN C . 7.50 5.98 4.37
C62 CWN C . 5.49 5.68 2.76
C71 CWN C . 2.88 3.53 6.02
C74 CWN C . 0.13 1.06 6.54
C75 CWN C . 0.24 1.65 7.77
CM7 CWN C . 1.59 3.46 8.84
C72 CWN C . 1.76 2.62 6.39
C81 CWN C . -1.69 -0.58 7.03
C92 CWN C . 2.52 7.60 -6.03
C93 CWN C . 2.52 9.13 -6.20
C94 CWN C . 2.64 9.95 -4.88
C73 CWN C . 1.08 1.67 5.67
C07 CWN C . -4.48 -6.26 3.00
C06 CWN C . -5.56 -7.15 2.43
O01 CWN C . -6.19 -7.96 3.10
C82 CWN C . -2.56 -1.62 6.38
C84 CWN C . -3.64 -2.22 7.00
CM8 CWN C . -4.11 -1.95 8.42
S81 CWN C . -4.51 -3.31 5.96
C83 CWN C . -3.32 -2.95 4.74
N81 CWN C . -2.39 -2.06 5.07
H33 CWN C . 4.82 2.20 1.23
H35 CWN C . 8.77 4.01 1.12
H031 CWN C . -7.19 -10.50 -0.94
H032 CWN C . -6.84 -9.20 -2.09
H042 CWN C . -4.76 -8.66 -0.69
H041 CWN C . -5.38 -9.74 0.55
H052 CWN C . -7.38 -8.35 0.88
H051 CWN C . -7.01 -7.37 -0.55
HN02 CWN C . -5.20 -6.31 0.61
HN01 CWN C . -4.60 -10.25 -2.45
H004 CWN C . -5.48 -11.98 -3.96
H005 CWN C . -6.50 -10.52 -4.01
H006 CWN C . -7.03 -11.96 -3.08
H001 CWN C . -5.88 -12.52 -0.95
H002 CWN C . -4.48 -11.57 -0.37
H003 CWN C . -4.33 -12.58 -1.83
HN03 CWN C . -1.43 -5.95 3.69
H13 CWN C . -0.03 -4.65 4.38
HN1 CWN C . 1.56 -2.68 5.07
H15 CWN C . -0.18 -3.37 8.52
H112 CWN C . -2.14 -6.38 8.57
H111 CWN C . -3.23 -5.00 8.27
H113 CWN C . -1.88 -4.86 9.44
HN2 CWN C . 4.41 0.72 2.95
HN3 CWN C . 5.44 3.72 -0.91
H25 CWN C . 5.16 1.39 6.69
H223 CWN C . 2.62 0.29 8.91
H222 CWN C . 4.30 0.87 8.86
H221 CWN C . 3.98 -0.87 9.04
HN4 CWN C . 3.28 6.02 -4.24
H23 CWN C . 2.77 -1.14 4.11
HN9 CWN C . 2.90 8.90 -3.04
HN5 CWN C . 4.28 6.52 0.74
H332 CWN C . 9.82 3.04 3.04
H331 CWN C . 9.12 1.54 3.67
H333 CWN C . 8.70 3.11 4.42
HN6 CWN C . 2.44 3.34 4.05
HN7 CWN C . -0.80 -0.26 5.23
H44 CWN C . 6.87 6.80 -5.39
H443 CWN C . 9.17 6.34 -4.62
H442 CWN C . 9.34 4.85 -3.65
H441 CWN C . 9.25 6.45 -2.85
H081 CWN C . -2.76 -7.46 2.45
H082 CWN C . -3.53 -7.97 3.96
H53 CWN C . 3.54 7.86 -1.41
H55 CWN C . 7.78 7.84 -0.48
H553 CWN C . 7.56 10.46 -2.90
H551 CWN C . 7.85 8.95 -3.80
H552 CWN C . 8.69 9.26 -2.25
H63 CWN C . 3.52 4.94 2.10
H65 CWN C . 5.72 4.41 5.79
H663 CWN C . 8.27 5.62 3.68
H661 CWN C . 7.74 5.65 5.38
H662 CWN C . 7.48 7.08 4.35
H75 CWN C . -0.30 1.47 8.70
H771 CWN C . 1.67 4.52 8.52
H773 CWN C . 2.56 3.14 9.26
H772 CWN C . 0.82 3.39 9.62
H921 CWN C . 2.10 7.16 -6.93
H922 CWN C . 1.88 7.30 -5.19
H932 CWN C . 1.59 9.44 -6.69
H931 CWN C . 3.33 9.43 -6.87
H942 CWN C . 1.62 10.14 -4.51
H943 CWN C . 3.08 10.92 -5.13
H73 CWN C . 1.22 1.41 4.63
H072 CWN C . -4.89 -5.79 3.90
H071 CWN C . -4.21 -5.47 2.30
H883 CWN C . -3.34 -2.21 9.14
H881 CWN C . -5.00 -2.55 8.66
H882 CWN C . -4.38 -0.90 8.55
H83 CWN C . -3.39 -3.47 3.80
N1 DCZ A 1 1.80 -17.80 -6.40
C2 DCZ A 1 0.55 -18.42 -6.23
N3 DCZ A 1 -0.14 -18.30 -5.07
C4 DCZ A 1 0.37 -17.56 -4.11
C5 DCZ A 1 1.62 -16.89 -4.22
C6 DCZ A 1 2.30 -17.02 -5.39
O2 DCZ A 1 0.05 -19.12 -7.12
N4 DCZ A 1 -0.32 -17.48 -3.01
C1' DCZ A 1 2.55 -17.99 -7.67
C2' DCZ A 1 2.66 -16.68 -8.48
C3' DCZ A 1 4.12 -16.28 -8.43
C4' DCZ A 1 4.78 -17.64 -8.21
O4' DCZ A 1 3.88 -18.39 -7.39
O3' DCZ A 1 4.54 -15.69 -9.65
C5' DCZ A 1 6.17 -17.55 -7.54
O5' DCZ A 1 6.10 -17.07 -6.20
H5 DCZ A 1 2.04 -16.30 -3.42
H6 DCZ A 1 3.26 -16.53 -5.52
HN41 DCZ A 1 -1.17 -18.03 -2.94
HN42 DCZ A 1 0.03 -16.95 -2.24
H1' DCZ A 1 2.06 -18.74 -8.29
H2'1 DCZ A 1 2.03 -15.91 -8.06
H2'2 DCZ A 1 2.35 -16.89 -9.51
H3' DCZ A 1 4.31 -15.64 -7.56
H4' DCZ A 1 4.88 -18.14 -9.19
H5'1 DCZ A 1 6.62 -18.54 -7.56
H5'2 DCZ A 1 6.79 -16.88 -8.14
HO51 DCZ A 1 5.59 -17.71 -5.66
N1 DCZ B 1 -15.40 16.08 -4.62
C2 DCZ B 1 -14.63 16.28 -5.78
N3 DCZ B 1 -14.26 17.53 -6.15
C4 DCZ B 1 -14.64 18.55 -5.41
C5 DCZ B 1 -15.45 18.42 -4.25
C6 DCZ B 1 -15.80 17.16 -3.88
O2 DCZ B 1 -14.28 15.34 -6.51
N4 DCZ B 1 -14.21 19.72 -5.79
C1' DCZ B 1 -15.59 14.69 -4.12
C2' DCZ B 1 -14.51 14.34 -3.10
C3' DCZ B 1 -15.19 13.25 -2.27
C4' DCZ B 1 -16.66 13.75 -2.27
O4' DCZ B 1 -16.83 14.55 -3.44
O3' DCZ B 1 -15.14 11.97 -2.89
C5' DCZ B 1 -17.07 14.53 -1.00
O5' DCZ B 1 -16.28 15.69 -0.72
H5 DCZ B 1 -15.76 19.27 -3.66
H6 DCZ B 1 -16.40 16.99 -2.99
HN41 DCZ B 1 -13.60 19.75 -6.60
HN42 DCZ B 1 -14.43 20.53 -5.24
H1' DCZ B 1 -15.55 13.97 -4.94
H2'1 DCZ B 1 -14.28 15.19 -2.47
H2'2 DCZ B 1 -13.60 13.98 -3.58
H3' DCZ B 1 -14.80 13.20 -1.25
H4' DCZ B 1 -17.31 12.88 -2.33
H5'1 DCZ B 1 -18.11 14.83 -1.12
H5'2 DCZ B 1 -17.02 13.86 -0.14
HO51 DCZ B 1 -15.41 15.43 -0.36
C31 CWN C . 6.21 1.30 3.60
C32 CWN C . 6.69 1.97 2.35
C33 CWN C . 6.03 2.32 1.19
C34 CWN C . 6.93 3.05 0.38
C35 CWN C . 8.13 3.13 1.05
O31 CWN C . 6.91 1.28 4.61
O21 CWN C . 1.94 -2.24 7.82
C21 CWN C . 2.10 -2.13 6.61
O11 CWN C . -3.28 -6.63 5.82
C03 CWN C . -6.28 -10.08 -1.61
C04 CWN C . -5.55 -9.16 -0.61
C05 CWN C . -6.44 -8.06 -0.06
N02 CWN C . -5.63 -7.09 0.68
N01 CWN C . -5.36 -11.09 -2.27
C01 CWN C . -6.06 -11.73 -3.47
C02 CWN C . -4.98 -12.19 -1.26
C11 CWN C . -2.33 -6.20 5.18
N03 CWN C . -2.25 -6.39 3.82
C14 CWN C . 0.41 -3.86 6.03
N11 CWN C . -1.22 -4.97 7.09
C13 CWN C . -0.22 -4.71 5.10
N12 CWN C . 1.41 -2.94 5.72
C15 CWN C . -0.18 -4.05 7.26
N21 CWN C . 3.80 -0.29 6.82
O41 CWN C . 8.76 4.30 -1.45
CM1 CWN C . -2.11 -5.39 8.17
N22 CWN C . 4.97 0.70 3.59
O91 CWN C . 5.41 7.25 -6.95
C12 CWN C . -1.26 -5.35 5.74
N31 CWN C . 8.00 2.43 2.24
O51 CWN C . 5.76 9.96 -4.46
O61 CWN C . 7.41 6.54 1.56
C24 CWN C . 4.33 0.16 4.70
N32 CWN C . 6.65 3.63 -0.85
O71 CWN C . 3.47 3.94 6.67
C25 CWN C . 4.60 0.50 6.01
N41 CWN C . 7.80 5.51 -3.88
O81 CWN C . -1.73 -0.64 7.97
CM2 CWN C . 3.81 -0.17 8.28
N42 CWN C . 5.69 5.09 -3.25
C22 CWN C . 3.03 -1.14 6.01
N43 CWN C . 4.58 6.25 -5.06
C23 CWN C . 3.32 -0.83 4.70
N91 CWN C . 3.72 9.14 -3.94
N51 CWN C . 6.91 8.47 -2.18
N52 CWN C . 5.43 6.53 0.45
CM3 CWN C . 9.14 2.20 3.13
N61 CWN C . 6.23 5.21 3.84
N62 CWN C . 3.18 3.44 4.47
C41 CWN C . 7.56 4.27 -1.70
N71 CWN C . 1.24 2.33 7.48
C42 CWN C . 6.97 4.93 -2.93
C43 CWN C . 5.70 5.80 -4.42
N72 CWN C . -0.70 -0.26 5.95
C44 CWN C . 6.98 6.06 -4.83
CM4 CWN C . 9.27 5.53 -3.96
C91 CWN C . 4.47 7.03 -6.20
C08 CWN C . -3.26 -7.13 3.05
C51 CWN C . 5.07 9.29 -3.71
C54 CWN C . 5.78 7.30 -0.66
C53 CWN C . 4.86 7.86 -1.57
C55 CWN C . 7.05 7.69 -1.04
CM5 CWN C . 8.05 9.05 -2.91
C52 CWN C . 5.56 8.57 -2.51
C61 CWN C . 6.25 6.17 1.51
C63 CWN C . 4.39 4.71 2.67
C64 CWN C . 4.27 4.15 3.97
C65 CWN C . 5.41 4.45 4.67
CM6 CWN C . 7.51 5.75 4.29
C62 CWN C . 5.60 5.38 2.60
C71 CWN C . 2.87 3.31 5.82
C74 CWN C . 0.17 0.77 6.31
C75 CWN C . 0.28 1.33 7.55
CM7 CWN C . 1.55 3.21 8.61
C72 CWN C . 1.76 2.37 6.18
C81 CWN C . -1.63 -0.90 6.77
C92 CWN C . 3.08 7.62 -6.46
C93 CWN C . 3.10 9.17 -6.41
C94 CWN C . 2.97 9.80 -5.01
C73 CWN C . 1.10 1.41 5.44
C07 CWN C . -4.42 -6.21 2.61
C06 CWN C . -5.57 -7.02 2.05
O01 CWN C . -6.37 -7.62 2.77
C82 CWN C . -2.52 -1.89 6.08
C84 CWN C . -3.64 -2.46 6.67
CM8 CWN C . -4.15 -2.18 8.06
S81 CWN C . -4.53 -3.50 5.59
C83 CWN C . -3.31 -3.16 4.40
N81 CWN C . -2.35 -2.31 4.76
H33 CWN C . 4.99 2.12 0.95
H35 CWN C . 9.05 3.62 0.78
H031 CWN C . -7.10 -10.61 -1.11
H032 CWN C . -6.71 -9.46 -2.40
H042 CWN C . -4.70 -8.71 -1.13
H041 CWN C . -5.14 -9.75 0.23
H052 CWN C . -7.23 -8.47 0.57
H051 CWN C . -6.94 -7.53 -0.89
HN02 CWN C . -4.92 -6.56 0.17
HN01 CWN C . -4.48 -10.60 -2.58
H004 CWN C . -6.94 -12.27 -3.13
H005 CWN C . -5.37 -12.42 -3.96
H006 CWN C . -6.34 -10.95 -4.17
H001 CWN C . -4.46 -11.74 -0.42
H002 CWN C . -4.32 -12.91 -1.75
H003 CWN C . -5.88 -12.69 -0.92
HN03 CWN C . -1.39 -6.09 3.36
H13 CWN C . 0.03 -4.78 4.05
HN1 CWN C . 1.69 -2.85 4.75
H15 CWN C . 0.00 -3.58 8.22
H112 CWN C . -3.15 -5.14 7.91
H111 CWN C . -1.85 -4.87 9.09
H113 CWN C . -2.03 -6.47 8.33
HN2 CWN C . 4.56 0.58 2.66
HN3 CWN C . 5.69 3.59 -1.20
H25 CWN C . 5.29 1.22 6.41
H223 CWN C . 4.17 -1.12 8.72
H222 CWN C . 2.81 0.05 8.65
H221 CWN C . 4.49 0.63 8.59
HN4 CWN C . 3.70 6.01 -4.63
H23 CWN C . 2.90 -1.29 3.81
HN9 CWN C . 3.20 8.65 -3.21
HN5 CWN C . 4.45 6.27 0.57
H332 CWN C . 10.07 2.50 2.65
H331 CWN C . 9.20 1.12 3.37
H333 CWN C . 9.00 2.76 4.06
HN6 CWN C . 2.50 3.05 3.82
HN7 CWN C . -0.74 -0.54 4.97
H44 CWN C . 7.35 6.61 -5.68
H443 CWN C . 9.59 5.96 -4.92
H442 CWN C . 9.67 4.51 -3.87
H441 CWN C . 9.67 6.15 -3.15
H081 CWN C . -2.79 -7.57 2.16
H082 CWN C . -3.65 -7.95 3.67
H53 CWN C . 3.78 7.74 -1.50
H55 CWN C . 8.02 7.47 -0.60
H553 CWN C . 8.01 10.14 -2.86
H551 CWN C . 8.03 8.73 -3.95
H552 CWN C . 8.99 8.71 -2.45
H63 CWN C . 3.66 4.62 1.88
H65 CWN C . 5.70 4.21 5.69
H663 CWN C . 8.34 5.28 3.74
H661 CWN C . 7.65 5.57 5.37
H662 CWN C . 7.54 6.83 4.12
H75 CWN C . -0.24 1.13 8.47
H771 CWN C . 0.85 3.01 9.43
H773 CWN C . 1.44 4.26 8.31
H772 CWN C . 2.57 3.03 8.97
H921 CWN C . 2.77 7.31 -7.46
H922 CWN C . 2.35 7.23 -5.75
H932 CWN C . 2.27 9.56 -7.02
H931 CWN C . 4.02 9.54 -6.89
H942 CWN C . 1.92 9.80 -4.73
H943 CWN C . 3.30 10.85 -5.08
H73 CWN C . 1.25 1.17 4.40
H072 CWN C . -4.81 -5.65 3.47
H071 CWN C . -4.08 -5.48 1.87
H883 CWN C . -3.44 -2.51 8.83
H881 CWN C . -5.10 -2.68 8.25
H882 CWN C . -4.32 -1.10 8.21
H83 CWN C . -3.39 -3.63 3.43
N1 DCZ A 1 3.17 -18.04 -7.17
C2 DCZ A 1 2.44 -19.20 -6.88
N3 DCZ A 1 1.75 -19.31 -5.71
C4 DCZ A 1 1.79 -18.31 -4.86
C5 DCZ A 1 2.55 -17.12 -5.08
C6 DCZ A 1 3.22 -17.02 -6.26
O2 DCZ A 1 2.38 -20.16 -7.65
N4 DCZ A 1 1.11 -18.46 -3.77
C1' DCZ A 1 3.87 -17.94 -8.49
C2' DCZ A 1 3.35 -16.77 -9.35
C3' DCZ A 1 4.53 -15.81 -9.43
C4' DCZ A 1 5.70 -16.78 -9.27
O4' DCZ A 1 5.25 -17.71 -8.28
O3' DCZ A 1 4.56 -15.13 -10.68
C5' DCZ A 1 7.04 -16.12 -8.88
O5' DCZ A 1 6.98 -15.36 -7.67
H5 DCZ A 1 2.60 -16.32 -4.36
H6 DCZ A 1 3.81 -16.14 -6.47
HN41 DCZ A 1 0.59 -19.31 -3.65
HN42 DCZ A 1 1.09 -17.71 -3.09
H1' DCZ A 1 3.73 -18.86 -9.06
H2'1 DCZ A 1 2.48 -16.28 -8.91
H2'2 DCZ A 1 3.10 -17.14 -10.34
H3' DCZ A 1 4.50 -15.12 -8.58
H4' DCZ A 1 5.84 -17.32 -10.22
H5'1 DCZ A 1 7.78 -16.92 -8.77
H5'2 DCZ A 1 7.35 -15.48 -9.70
HO51 DCZ A 1 6.56 -14.50 -7.85
N1 DCZ B 1 -12.98 16.98 -4.29
C2 DCZ B 1 -12.48 16.95 -5.60
N3 DCZ B 1 -11.84 18.01 -6.14
C4 DCZ B 1 -11.72 19.11 -5.41
C5 DCZ B 1 -12.22 19.22 -4.08
C6 DCZ B 1 -12.85 18.14 -3.55
O2 DCZ B 1 -12.60 15.94 -6.31
N4 DCZ B 1 -11.08 20.09 -5.96
C1' DCZ B 1 -13.56 15.75 -3.68
C2' DCZ B 1 -12.57 15.09 -2.71
C3' DCZ B 1 -13.49 14.38 -1.73
C4' DCZ B 1 -14.70 15.32 -1.69
O4' DCZ B 1 -14.71 16.07 -2.90
O3' DCZ B 1 -13.92 13.10 -2.18
C5' DCZ B 1 -14.72 16.27 -0.46
O5' DCZ B 1 -13.53 17.04 -0.30
H5 DCZ B 1 -12.13 20.13 -3.50
H6 DCZ B 1 -13.25 18.17 -2.55
HN41 DCZ B 1 -10.73 19.96 -6.89
HN42 DCZ B 1 -10.94 20.94 -5.44
H1' DCZ B 1 -13.82 15.03 -4.45
H2'1 DCZ B 1 -11.98 15.85 -2.18
H2'2 DCZ B 1 -11.90 14.40 -3.22
H3' DCZ B 1 -13.03 14.31 -0.74
H4' DCZ B 1 -15.61 14.72 -1.64
H5'1 DCZ B 1 -15.58 16.94 -0.56
H5'2 DCZ B 1 -14.88 15.66 0.43
HO51 DCZ B 1 -13.62 17.61 0.49
C31 CWN C . 6.03 1.12 3.99
C32 CWN C . 6.48 1.83 2.76
C33 CWN C . 5.84 2.08 1.56
C34 CWN C . 6.70 2.88 0.76
C35 CWN C . 7.84 3.13 1.49
O31 CWN C . 6.72 1.09 5.01
O21 CWN C . 1.83 -2.61 8.14
C21 CWN C . 2.01 -2.48 6.93
O11 CWN C . -3.16 -7.19 6.05
C03 CWN C . -6.57 -10.31 -1.48
C04 CWN C . -5.69 -9.51 -0.52
C05 CWN C . -6.48 -8.42 0.24
N02 CWN C . -5.57 -7.51 0.95
N01 CWN C . -5.77 -11.33 -2.29
C01 CWN C . -6.56 -11.72 -3.54
C02 CWN C . -5.51 -12.57 -1.44
C11 CWN C . -2.24 -6.69 5.41
N03 CWN C . -2.19 -6.80 4.04
C14 CWN C . 0.42 -4.30 6.32
N11 CWN C . -1.09 -5.57 7.36
C13 CWN C . -0.20 -5.13 5.36
N12 CWN C . 1.37 -3.32 6.02
C15 CWN C . -0.12 -4.59 7.56
N21 CWN C . 3.63 -0.57 7.16
O41 CWN C . 8.53 4.03 -1.09
CM1 CWN C . -1.89 -6.15 8.45
N22 CWN C . 4.81 0.46 3.95
O91 CWN C . 5.27 6.68 -6.80
C12 CWN C . -1.16 -5.85 5.99
N31 CWN C . 7.71 2.48 2.71
O51 CWN C . 5.69 9.50 -4.38
O61 CWN C . 7.26 6.42 1.84
C24 CWN C . 4.18 -0.10 5.06
N32 CWN C . 6.42 3.36 -0.51
O71 CWN C . 3.41 3.75 7.00
C25 CWN C . 4.42 0.24 6.36
N41 CWN C . 7.62 5.17 -3.57
O81 CWN C . -1.60 -0.99 8.35
CM2 CWN C . 3.62 -0.45 8.62
N42 CWN C . 5.49 4.71 -2.99
C22 CWN C . 2.91 -1.45 6.35
N43 CWN C . 4.42 5.81 -4.87
C23 CWN C . 3.21 -1.13 5.04
N91 CWN C . 3.65 8.72 -3.84
N51 CWN C . 6.81 8.14 -2.00
N52 CWN C . 5.31 6.27 0.68
CM3 CWN C . 8.79 2.50 3.72
N61 CWN C . 6.06 5.18 4.16
N62 CWN C . 3.11 3.27 4.78
C41 CWN C . 7.33 3.99 -1.36
N71 CWN C . 1.19 2.13 7.81
C42 CWN C . 6.76 4.60 -2.62
C43 CWN C . 5.52 5.39 -4.19
N72 CWN C . -0.70 -0.50 6.30
C44 CWN C . 6.80 5.69 -4.55
CM4 CWN C . 9.08 5.26 -3.60
C91 CWN C . 4.33 6.52 -6.04
C08 CWN C . -3.21 -7.49 3.25
C51 CWN C . 4.99 8.87 -3.60
C54 CWN C . 5.67 7.00 -0.46
C53 CWN C . 4.75 7.49 -1.42
C55 CWN C . 6.93 7.40 -0.83
CM5 CWN C . 7.96 8.74 -2.71
C52 CWN C . 5.46 8.19 -2.37
C61 CWN C . 6.11 6.02 1.78
C63 CWN C . 4.29 4.54 2.96
C64 CWN C . 4.18 4.02 4.28
C65 CWN C . 5.29 4.39 4.98
CM6 CWN C . 7.28 5.87 4.63
C62 CWN C . 5.46 5.25 2.90
C71 CWN C . 2.80 3.12 6.14
C74 CWN C . 0.13 0.55 6.65
C75 CWN C . 0.25 1.12 7.89
CM7 CWN C . 1.50 3.00 8.96
C72 CWN C . 1.69 2.19 6.50
C81 CWN C . -1.55 -1.21 7.15
C92 CWN C . 2.97 7.17 -6.33
C93 CWN C . 3.05 8.71 -6.32
C94 CWN C . 2.91 9.37 -4.93
C73 CWN C . 1.04 1.22 5.77
C07 CWN C . -4.35 -6.54 2.84
C06 CWN C . -5.54 -7.34 2.31
O01 CWN C . -6.39 -7.82 3.04
C82 CWN C . -2.41 -2.25 6.47
C84 CWN C . -3.42 -2.95 7.11
CM8 CWN C . -3.77 -2.84 8.57
S81 CWN C . -4.34 -3.96 6.03
C83 CWN C . -3.24 -3.48 4.78
N81 CWN C . -2.31 -2.59 5.12
H33 CWN C . 4.84 1.74 1.26
H35 CWN C . 8.71 3.73 1.25
H031 CWN C . -7.36 -10.83 -0.94
H032 CWN C . -7.04 -9.61 -2.19
H042 CWN C . -4.89 -9.02 -1.08
H041 CWN C . -5.20 -10.17 0.21
H052 CWN C . -7.17 -8.90 0.95
H051 CWN C . -7.07 -7.84 -0.47
HN02 CWN C . -4.82 -7.09 0.41
HN01 CWN C . -4.85 -10.90 -2.57
H004 CWN C . -6.71 -10.85 -4.18
H005 CWN C . -7.53 -12.13 -3.25
H006 CWN C . -6.00 -12.48 -4.10
H001 CWN C . -6.46 -13.01 -1.13
H002 CWN C . -4.93 -12.29 -0.57
H003 CWN C . -4.94 -13.29 -2.04
HN03 CWN C . -1.35 -6.45 3.59
H13 CWN C . 0.03 -5.12 4.30
HN1 CWN C . 1.64 -3.19 5.05
H15 CWN C . 0.08 -4.17 8.54
H112 CWN C . -1.45 -5.88 9.42
H111 CWN C . -1.88 -7.24 8.36
H113 CWN C . -2.92 -5.78 8.40
HN2 CWN C . 4.42 0.31 3.02
HN3 CWN C . 5.48 3.26 -0.88
H25 CWN C . 5.07 1.00 6.77
H223 CWN C . 2.59 -0.29 8.97
H222 CWN C . 4.24 0.39 8.93
H221 CWN C . 4.02 -1.38 9.08
HN4 CWN C . 3.52 5.61 -4.43
H23 CWN C . 2.82 -1.61 4.14
HN9 CWN C . 3.11 8.26 -3.10
HN5 CWN C . 4.34 6.00 0.78
H332 CWN C . 9.13 1.48 3.90
H331 CWN C . 8.42 2.95 4.64
H333 CWN C . 9.63 3.10 3.35
HN6 CWN C . 2.43 2.86 4.16
HN7 CWN C . -0.77 -0.76 5.32
H44 CWN C . 7.18 6.23 -5.40
H443 CWN C . 9.43 5.82 -2.73
H442 CWN C . 9.41 5.76 -4.51
H441 CWN C . 9.52 4.25 -3.57
H081 CWN C . -2.75 -7.91 2.34
H082 CWN C . -3.61 -8.33 3.84
H53 CWN C . 3.68 7.35 -1.38
H55 CWN C . 7.90 7.22 -0.36
H553 CWN C . 7.87 9.83 -2.71
H551 CWN C . 7.98 8.37 -3.75
H552 CWN C . 8.89 8.45 -2.22
H63 CWN C . 3.57 4.39 2.16
H65 CWN C . 5.57 4.18 6.01
H663 CWN C . 7.31 5.86 5.74
H661 CWN C . 7.26 6.92 4.31
H662 CWN C . 8.16 5.38 4.23
H75 CWN C . -0.27 0.90 8.81
H771 CWN C . 2.48 2.73 9.37
H773 CWN C . 0.74 2.88 9.73
H772 CWN C . 1.51 4.06 8.63
H921 CWN C . 2.66 6.85 -7.33
H922 CWN C . 2.20 6.80 -5.63
H932 CWN C . 2.24 9.11 -6.96
H931 CWN C . 3.98 9.04 -6.79
H942 CWN C . 1.85 9.40 -4.67
H943 CWN C . 3.25 10.40 -5.02
H73 CWN C . 1.19 0.98 4.72
H072 CWN C . -4.71 -5.98 3.70
H071 CWN C . -4.02 -5.83 2.08
H883 CWN C . -2.93 -3.09 9.21
H881 CWN C . -4.59 -3.52 8.82
H882 CWN C . -4.12 -1.83 8.83
H83 CWN C . -3.35 -3.91 3.79
N1 DCZ A 1 2.12 -17.92 -6.48
C2 DCZ A 1 1.07 -18.85 -6.38
N3 DCZ A 1 0.16 -18.77 -5.38
C4 DCZ A 1 0.29 -17.82 -4.47
C5 DCZ A 1 1.36 -16.89 -4.50
C6 DCZ A 1 2.24 -16.94 -5.51
O2 DCZ A 1 0.93 -19.77 -7.20
N4 DCZ A 1 -0.62 -17.77 -3.54
C1' DCZ A 1 3.07 -17.99 -7.63
C2' DCZ A 1 2.94 -16.80 -8.58
C3' DCZ A 1 4.18 -15.94 -8.31
C4' DCZ A 1 5.16 -17.00 -7.80
O4' DCZ A 1 4.40 -18.01 -7.15
O3' DCZ A 1 4.63 -15.34 -9.53
C5' DCZ A 1 6.23 -16.43 -6.84
O5' DCZ A 1 5.67 -15.85 -5.66
H5 DCZ A 1 1.48 -16.14 -3.73
H6 DCZ A 1 3.07 -16.25 -5.57
HN41 DCZ A 1 -1.40 -18.41 -3.58
HN42 DCZ A 1 -0.55 -17.05 -2.85
H1' DCZ A 1 2.88 -18.90 -8.21
H2'1 DCZ A 1 2.04 -16.22 -8.40
H2'2 DCZ A 1 2.95 -17.15 -9.61
H3' DCZ A 1 3.98 -15.20 -7.53
H4' DCZ A 1 5.66 -17.45 -8.67
H5'1 DCZ A 1 6.91 -17.24 -6.57
H5'2 DCZ A 1 6.81 -15.68 -7.38
HO51 DCZ A 1 6.39 -15.58 -5.06
N1 DCZ B 1 -15.66 16.43 -3.32
C2 DCZ B 1 -15.47 16.90 -4.63
N3 DCZ B 1 -15.46 18.24 -4.89
C4 DCZ B 1 -15.64 19.07 -3.89
C5 DCZ B 1 -15.83 18.66 -2.55
C6 DCZ B 1 -15.84 17.33 -2.29
O2 DCZ B 1 -15.31 16.13 -5.58
N4 DCZ B 1 -15.63 20.34 -4.20
C1' DCZ B 1 -15.68 14.96 -3.05
C2' DCZ B 1 -14.43 14.47 -2.32
C3' DCZ B 1 -14.95 13.28 -1.52
C4' DCZ B 1 -16.36 13.75 -1.17
O4' DCZ B 1 -16.78 14.65 -2.20
O3' DCZ B 1 -15.03 12.09 -2.29
C5' DCZ B 1 -16.53 14.40 0.21
O5' DCZ B 1 -15.53 15.36 0.57
H5 DCZ B 1 -15.98 19.36 -1.73
H6 DCZ B 1 -15.99 16.96 -1.29
HN41 DCZ B 1 -15.49 20.58 -5.16
HN42 DCZ B 1 -15.76 21.03 -3.47
H1' DCZ B 1 -15.78 14.40 -3.99
H2'1 DCZ B 1 -14.05 15.24 -1.65
H2'2 DCZ B 1 -13.64 14.19 -3.02
H3' DCZ B 1 -14.37 13.12 -0.62
H4' DCZ B 1 -17.02 12.88 -1.19
H5'1 DCZ B 1 -17.51 14.90 0.24
H5'2 DCZ B 1 -16.55 13.61 0.97
HO51 DCZ B 1 -14.76 14.91 0.97
C31 CWN C . 6.13 0.82 3.30
C32 CWN C . 6.61 1.49 2.06
C33 CWN C . 5.92 1.96 0.96
C34 CWN C . 6.86 2.66 0.15
C35 CWN C . 8.10 2.59 0.75
O31 CWN C . 6.86 0.66 4.27
O21 CWN C . 1.62 -2.34 7.60
C21 CWN C . 1.80 -2.26 6.39
O11 CWN C . -3.60 -6.71 5.59
C03 CWN C . -6.68 -10.19 -1.78
C04 CWN C . -5.98 -9.39 -0.68
C05 CWN C . -6.77 -8.13 -0.26
N02 CWN C . -5.87 -7.19 0.42
N01 CWN C . -5.73 -11.11 -2.52
C01 CWN C . -6.42 -11.74 -3.72
C02 CWN C . -5.24 -12.21 -1.59
C11 CWN C . -2.64 -6.29 4.96
N03 CWN C . -2.55 -6.47 3.61
C14 CWN C . 0.09 -3.97 5.83
N11 CWN C . -1.47 -5.15 6.90
C13 CWN C . -0.53 -4.82 4.89
N12 CWN C . 1.10 -3.06 5.51
C15 CWN C . -0.48 -4.19 7.06
N21 CWN C . 3.69 -0.60 6.57
O41 CWN C . 8.67 3.95 -1.67
CM1 CWN C . -2.30 -5.66 8.00
N22 CWN C . 4.81 0.38 3.32
O91 CWN C . 5.20 7.21 -6.94
C12 CWN C . -1.54 -5.48 5.54
N31 CWN C . 7.95 1.82 1.89
O51 CWN C . 5.73 9.88 -4.51
O61 CWN C . 7.56 6.17 1.33
C24 CWN C . 4.16 -0.13 4.45
N32 CWN C . 6.56 3.36 -1.03
O71 CWN C . 3.77 3.53 6.48
C25 CWN C . 4.52 0.15 5.74
N41 CWN C . 7.67 5.49 -3.90
O81 CWN C . -1.76 -0.58 7.92
CM2 CWN C . 3.83 -0.62 8.03
N42 CWN C . 5.57 4.97 -3.30
C22 CWN C . 2.80 -1.33 5.78
N43 CWN C . 4.42 6.25 -5.01
C23 CWN C . 3.06 -1.02 4.46
N91 CWN C . 3.70 9.12 -3.88
N51 CWN C . 6.93 8.43 -2.22
N52 CWN C . 5.52 6.33 0.33
CM3 CWN C . 9.10 1.39 2.71
N61 CWN C . 6.44 4.64 3.53
N62 CWN C . 3.23 3.26 4.29
C41 CWN C . 7.46 4.02 -1.86
N71 CWN C . 1.44 2.11 7.38
C42 CWN C . 6.85 4.80 -3.00
C43 CWN C . 5.56 5.76 -4.41
N72 CWN C . -0.87 -0.15 5.85
C44 CWN C . 6.83 6.09 -4.81
CM4 CWN C . 9.13 5.61 -3.93
C91 CWN C . 4.28 7.02 -6.14
C08 CWN C . -3.57 -7.18 2.82
C51 CWN C . 5.05 9.23 -3.72
C54 CWN C . 5.85 7.17 -0.74
C53 CWN C . 4.90 7.72 -1.63
C55 CWN C . 7.09 7.61 -1.10
CM5 CWN C . 8.04 9.12 -2.91
C52 CWN C . 5.58 8.49 -2.54
C61 CWN C . 6.37 5.87 1.33
C63 CWN C . 4.46 4.52 2.50
C64 CWN C . 4.37 3.86 3.75
C65 CWN C . 5.59 3.94 4.37
CM6 CWN C . 7.84 4.92 3.88
C62 CWN C . 5.73 5.04 2.39
C71 CWN C . 3.01 3.05 5.65
C74 CWN C . 0.09 0.80 6.20
C75 CWN C . 0.37 1.23 7.47
CM7 CWN C . 2.02 2.77 8.56
C72 CWN C . 1.82 2.24 6.03
C81 CWN C . -1.74 -0.81 6.72
C92 CWN C . 2.91 7.66 -6.34
C93 CWN C . 2.96 9.20 -6.31
C94 CWN C . 2.91 9.82 -4.91
C73 CWN C . 0.98 1.44 5.29
C07 CWN C . -4.64 -6.21 2.29
C06 CWN C . -5.86 -6.98 1.78
O01 CWN C . -6.73 -7.40 2.51
C82 CWN C . -2.65 -1.82 6.08
C84 CWN C . -3.66 -2.49 6.74
CM8 CWN C . -4.06 -2.28 8.19
S81 CWN C . -4.58 -3.55 5.71
C83 CWN C . -3.46 -3.12 4.44
N81 CWN C . -2.54 -2.21 4.74
H33 CWN C . 4.86 1.90 0.77
H35 CWN C . 9.05 2.99 0.45
H031 CWN C . -7.50 -10.77 -1.36
H032 CWN C . -7.10 -9.49 -2.51
H042 CWN C . -5.00 -9.07 -1.04
H041 CWN C . -5.79 -10.01 0.21
H052 CWN C . -7.62 -8.40 0.38
H051 CWN C . -7.17 -7.64 -1.16
HN02 CWN C . -5.09 -6.81 -0.11
HN01 CWN C . -4.90 -10.56 -2.86
H004 CWN C . -6.78 -10.96 -4.39
H005 CWN C . -7.26 -12.36 -3.39
H006 CWN C . -5.71 -12.36 -4.27
H001 CWN C . -6.10 -12.80 -1.22
H002 CWN C . -4.72 -11.77 -0.73
H003 CWN C . -4.56 -12.86 -2.12
HN03 CWN C . -1.70 -6.16 3.16
H13 CWN C . -0.29 -4.87 3.84
HN1 CWN C . 1.37 -2.97 4.54
H15 CWN C . -0.27 -3.74 8.02
H112 CWN C . -3.29 -5.17 7.98
H111 CWN C . -1.81 -5.44 8.95
H113 CWN C . -2.44 -6.74 7.89
HN2 CWN C . 4.36 0.34 2.41
HN3 CWN C . 5.59 3.39 -1.34
H25 CWN C . 5.29 0.79 6.14
H223 CWN C . 4.05 -1.64 8.37
H222 CWN C . 2.91 -0.26 8.50
H221 CWN C . 4.66 0.03 8.33
HN4 CWN C . 3.55 6.02 -4.55
H23 CWN C . 2.56 -1.40 3.58
HN9 CWN C . 3.19 8.65 -3.14
HN5 CWN C . 4.54 6.08 0.47
H332 CWN C . 9.06 0.30 2.86
H331 CWN C . 9.09 1.90 3.68
H333 CWN C . 10.04 1.62 2.19
HN6 CWN C . 2.45 3.01 3.69
HN7 CWN C . -0.99 -0.41 4.88
H44 CWN C . 7.17 6.72 -5.60
H443 CWN C . 9.43 6.26 -4.77
H442 CWN C . 9.58 4.62 -4.07
H441 CWN C . 9.49 6.06 -3.00
H081 CWN C . -3.08 -7.68 1.97
H082 CWN C . -4.04 -7.95 3.44
H53 CWN C . 3.83 7.54 -1.58
H55 CWN C . 8.07 7.42 -0.68
H553 CWN C . 7.88 10.20 -2.88
H551 CWN C . 8.10 8.77 -3.95
H552 CWN C . 8.99 8.88 -2.40
H63 CWN C . 3.65 4.60 1.78
H65 CWN C . 5.92 3.54 5.32
H663 CWN C . 8.07 4.52 4.88
H661 CWN C . 8.01 6.00 3.89
H662 CWN C . 8.51 4.45 3.15
H75 CWN C . -0.07 0.98 8.41
H771 CWN C . 1.96 3.86 8.45
H773 CWN C . 3.06 2.47 8.68
H772 CWN C . 1.46 2.48 9.46
H921 CWN C . 2.54 7.38 -7.33
H922 CWN C . 2.19 7.27 -5.61
H932 CWN C . 2.11 9.60 -6.89
H931 CWN C . 3.87 9.54 -6.84
H942 CWN C . 1.87 9.86 -4.58
H943 CWN C . 3.27 10.84 -5.00
H73 CWN C . 1.02 1.27 4.22
H072 CWN C . -4.99 -5.55 3.09
H071 CWN C . -4.23 -5.58 1.50
H883 CWN C . -3.23 -2.53 8.87
H881 CWN C . -4.91 -2.91 8.46
H882 CWN C . -4.35 -1.24 8.37
H83 CWN C . -3.57 -3.60 3.48
N1 DCZ A 1 1.36 -17.59 -7.70
C2 DCZ A 1 0.02 -18.01 -7.62
N3 DCZ A 1 -0.67 -17.90 -6.45
C4 DCZ A 1 -0.06 -17.36 -5.41
C5 DCZ A 1 1.29 -16.91 -5.44
C6 DCZ A 1 1.98 -17.05 -6.60
O2 DCZ A 1 -0.57 -18.51 -8.58
N4 DCZ A 1 -0.76 -17.27 -4.33
C1' DCZ A 1 2.04 -17.61 -9.04
C2' DCZ A 1 2.36 -16.20 -9.52
C3' DCZ A 1 3.88 -16.11 -9.53
C4' DCZ A 1 4.22 -17.59 -9.77
O4' DCZ A 1 3.28 -18.30 -8.97
O3' DCZ A 1 4.33 -15.25 -10.57
C5' DCZ A 1 5.66 -17.97 -9.39
O5' DCZ A 1 5.91 -17.86 -7.98
H5 DCZ A 1 1.77 -16.49 -4.57
H6 DCZ A 1 3.01 -16.72 -6.68
HN41 DCZ A 1 -1.71 -17.66 -4.35
HN42 DCZ A 1 -0.35 -16.89 -3.49
H1' DCZ A 1 1.39 -18.09 -9.78
H2'1 DCZ A 1 1.95 -15.44 -8.86
H2'2 DCZ A 1 1.97 -16.08 -10.53
H3' DCZ A 1 4.26 -15.81 -8.55
H4' DCZ A 1 4.07 -17.81 -10.83
H5'1 DCZ A 1 5.85 -18.99 -9.71
H5'2 DCZ A 1 6.36 -17.31 -9.92
HO51 DCZ A 1 5.29 -18.46 -7.51
N1 DCZ B 1 -15.12 15.40 -5.18
C2 DCZ B 1 -15.12 15.14 -6.57
N3 DCZ B 1 -15.06 16.15 -7.46
C4 DCZ B 1 -14.99 17.39 -6.99
C5 DCZ B 1 -14.98 17.72 -5.61
C6 DCZ B 1 -15.05 16.69 -4.73
O2 DCZ B 1 -15.18 13.99 -7.01
N4 DCZ B 1 -14.94 18.33 -7.89
C1' DCZ B 1 -15.19 14.26 -4.21
C2' DCZ B 1 -13.88 14.04 -3.46
C3' DCZ B 1 -14.37 13.37 -2.17
C4' DCZ B 1 -15.72 14.07 -1.95
O4' DCZ B 1 -16.17 14.52 -3.23
O3' DCZ B 1 -14.61 11.98 -2.31
C5' DCZ B 1 -15.69 15.23 -0.93
O5' DCZ B 1 -14.74 16.25 -1.20
H5 DCZ B 1 -14.94 18.73 -5.25
H6 DCZ B 1 -15.06 16.88 -3.66
HN41 DCZ B 1 -14.95 18.06 -8.86
HN42 DCZ B 1 -14.90 19.30 -7.61
H1' DCZ B 1 -15.46 13.32 -4.73
H2'1 DCZ B 1 -13.40 14.99 -3.24
H2'2 DCZ B 1 -13.19 13.40 -4.02
H3' DCZ B 1 -13.70 13.58 -1.34
H4' DCZ B 1 -16.42 13.33 -1.58
H5'1 DCZ B 1 -16.69 15.68 -0.92
H5'2 DCZ B 1 -15.51 14.81 0.06
HO51 DCZ B 1 -13.85 15.97 -0.89
C31 CWN C . 6.12 1.25 3.66
C32 CWN C . 6.53 1.93 2.39
C33 CWN C . 5.86 2.18 1.21
C34 CWN C . 6.73 2.94 0.38
C35 CWN C . 7.90 3.16 1.07
O31 CWN C . 6.82 1.28 4.66
O21 CWN C . 2.01 -2.62 7.81
C21 CWN C . 2.14 -2.44 6.61
O11 CWN C . -3.25 -6.88 5.67
C03 CWN C . -6.59 -9.89 -1.96
C04 CWN C . -5.77 -9.10 -0.91
C05 CWN C . -6.60 -8.02 -0.20
N02 CWN C . -5.72 -7.12 0.54
N01 CWN C . -5.72 -10.82 -2.80
C01 CWN C . -6.50 -11.32 -4.00
C02 CWN C . -5.26 -12.01 -1.96
C11 CWN C . -2.33 -6.40 5.03
N03 CWN C . -2.29 -6.48 3.65
C14 CWN C . 0.45 -4.13 5.97
N11 CWN C . -1.13 -5.34 6.99
C13 CWN C . -0.22 -4.91 4.99
N12 CWN C . 1.44 -3.20 5.69
C15 CWN C . -0.11 -4.43 7.20
N21 CWN C . 3.86 -0.61 6.87
O41 CWN C . 8.57 4.01 -1.53
CM1 CWN C . -1.95 -5.90 8.07
N22 CWN C . 4.91 0.57 3.65
O91 CWN C . 5.37 6.69 -7.21
C12 CWN C . -1.23 -5.60 5.62
N31 CWN C . 7.80 2.50 2.28
O51 CWN C . 5.49 9.47 -4.76
O61 CWN C . 7.28 6.52 1.46
C24 CWN C . 4.32 -0.03 4.76
N32 CWN C . 6.45 3.41 -0.90
O71 CWN C . 3.59 3.87 6.72
C25 CWN C . 4.63 0.23 6.07
N41 CWN C . 7.67 5.07 -4.03
O81 CWN C . -1.40 -0.90 8.23
CM2 CWN C . 3.94 -0.59 8.33
N42 CWN C . 5.53 4.71 -3.42
C22 CWN C . 3.07 -1.42 6.04
N43 CWN C . 4.47 5.79 -5.32
C23 CWN C . 3.32 -1.04 4.74
N91 CWN C . 3.50 8.56 -4.19
N51 CWN C . 6.70 8.21 -2.37
N52 CWN C . 5.30 6.33 0.36
CM3 CWN C . 8.95 2.40 3.21
N61 CWN C . 6.20 5.17 3.79
N62 CWN C . 3.21 3.36 4.55
C41 CWN C . 7.37 3.98 -1.79
N71 CWN C . 1.56 2.07 7.66
C42 CWN C . 6.81 4.56 -3.06
C43 CWN C . 5.58 5.36 -4.62
N72 CWN C . -0.56 -0.41 6.16
C44 CWN C . 6.86 5.60 -5.01
CM4 CWN C . 9.14 5.05 -4.11
C91 CWN C . 4.41 6.50 -6.50
C08 CWN C . -3.31 -7.19 2.88
C51 CWN C . 4.83 8.82 -3.97
C54 CWN C . 5.63 7.04 -0.79
C53 CWN C . 4.68 7.50 -1.74
C55 CWN C . 6.87 7.48 -1.20
CM5 CWN C . 7.80 8.87 -3.09
C52 CWN C . 5.35 8.19 -2.73
C61 CWN C . 6.13 6.09 1.44
C63 CWN C . 4.34 4.63 2.69
C64 CWN C . 4.26 4.09 4.00
C65 CWN C . 5.42 4.42 4.65
CM6 CWN C . 7.51 5.72 4.19
C62 CWN C . 5.53 5.32 2.57
C71 CWN C . 2.98 3.20 5.91
C74 CWN C . 0.37 0.59 6.51
C75 CWN C . 0.59 1.09 7.76
CM7 CWN C . 2.05 2.80 8.84
C72 CWN C . 1.93 2.21 6.32
C81 CWN C . -1.40 -1.10 7.02
C92 CWN C . 3.04 7.08 -6.84
C93 CWN C . 3.00 8.62 -6.70
C94 CWN C . 2.71 9.16 -5.28
C73 CWN C . 1.22 1.28 5.60
C07 CWN C . -4.45 -6.25 2.45
C06 CWN C . -5.63 -7.06 1.91
O01 CWN C . -6.42 -7.65 2.63
C82 CWN C . -2.36 -2.05 6.34
C84 CWN C . -3.39 -2.70 7.00
CM8 CWN C . -3.71 -2.59 8.47
S81 CWN C . -4.39 -3.65 5.93
C83 CWN C . -3.29 -3.19 4.65
N81 CWN C . -2.31 -2.37 4.98
H33 CWN C . 4.85 1.89 0.96
H35 CWN C . 8.79 3.71 0.80
H031 CWN C . -7.38 -10.47 -1.47
H032 CWN C . -7.06 -9.18 -2.63
H042 CWN C . -4.94 -8.60 -1.43
H041 CWN C . -5.34 -9.77 -0.17
H052 CWN C . -7.34 -8.50 0.47
H051 CWN C . -7.16 -7.44 -0.95
HN02 CWN C . -5.02 -6.61 0.02
HN01 CWN C . -4.86 -10.29 -3.12
H004 CWN C . -6.81 -10.47 -4.62
H005 CWN C . -7.38 -11.88 -3.66
H006 CWN C . -5.86 -11.98 -4.61
H001 CWN C . -6.13 -12.57 -1.62
H002 CWN C . -4.70 -11.65 -1.08
H003 CWN C . -4.61 -12.64 -2.57
HN03 CWN C . -1.45 -6.14 3.21
H13 CWN C . 0.00 -4.90 3.93
HN1 CWN C . 1.68 -3.04 4.72
H15 CWN C . 0.12 -4.05 8.18
H112 CWN C . -1.94 -7.00 8.02
H111 CWN C . -2.98 -5.55 7.97
H113 CWN C . -1.56 -5.59 9.05
HN2 CWN C . 4.49 0.42 2.73
HN3 CWN C . 5.51 3.31 -1.26
H25 CWN C . 5.32 0.95 6.50
H223 CWN C . 4.62 0.20 8.66
H222 CWN C . 4.30 -1.56 8.70
H221 CWN C . 2.94 -0.39 8.76
HN4 CWN C . 3.58 5.58 -4.90
H23 CWN C . 2.88 -1.47 3.84
HN9 CWN C . 3.01 8.06 -3.46
HN5 CWN C . 4.34 6.04 0.49
H332 CWN C . 9.85 2.82 2.74
H331 CWN C . 9.13 1.35 3.43
H333 CWN C . 8.73 2.95 4.13
HN6 CWN C . 2.52 2.93 3.93
HN7 CWN C . -0.68 -0.62 5.18
H44 CWN C . 7.26 6.10 -5.89
H443 CWN C . 9.47 5.45 -5.07
H442 CWN C . 9.49 4.02 -4.02
H441 CWN C . 9.57 5.66 -3.31
H081 CWN C . -2.85 -7.62 1.98
H082 CWN C . -3.71 -8.02 3.47
H53 CWN C . 3.61 7.35 -1.68
H55 CWN C . 7.84 7.35 -0.75
H553 CWN C . 7.59 9.94 -3.16
H551 CWN C . 7.91 8.43 -4.09
H552 CWN C . 8.73 8.74 -2.53
H63 CWN C . 3.58 4.51 1.92
H65 CWN C . 5.75 4.19 5.66
H663 CWN C . 7.48 6.81 4.11
H661 CWN C . 8.30 5.33 3.52
H662 CWN C . 7.74 5.44 5.22
H75 CWN C . 0.14 0.82 8.72
H771 CWN C . 1.82 3.87 8.74
H773 CWN C . 3.14 2.67 8.95
H772 CWN C . 1.57 2.42 9.75
H921 CWN C . 2.84 6.85 -7.89
H922 CWN C . 2.24 6.61 -6.24
H932 CWN C . 2.23 9.02 -7.37
H931 CWN C . 3.95 9.04 -7.06
H942 CWN C . 1.65 8.99 -5.07
H943 CWN C . 2.88 10.23 -5.30
H73 CWN C . 1.27 1.11 4.53
H072 CWN C . -4.82 -5.69 3.32
H071 CWN C . -4.11 -5.53 1.71
H883 CWN C . -2.88 -2.96 9.08
H881 CWN C . -4.60 -3.19 8.72
H882 CWN C . -3.94 -1.56 8.76
H83 CWN C . -3.45 -3.61 3.67
N1 DCZ A 1 1.81 -18.24 -5.55
C2 DCZ A 1 0.52 -18.63 -5.16
N3 DCZ A 1 0.06 -18.37 -3.91
C4 DCZ A 1 0.86 -17.74 -3.08
C5 DCZ A 1 2.17 -17.32 -3.40
C6 DCZ A 1 2.62 -17.59 -4.65
O2 DCZ A 1 -0.25 -19.23 -5.92
N4 DCZ A 1 0.37 -17.50 -1.89
C1' DCZ A 1 2.25 -18.51 -6.95
C2' DCZ A 1 2.63 -17.22 -7.71
C3' DCZ A 1 4.16 -17.25 -7.79
C4' DCZ A 1 4.38 -18.77 -7.85
O4' DCZ A 1 3.41 -19.32 -6.95
O3' DCZ A 1 4.63 -16.60 -8.96
C5' DCZ A 1 5.80 -19.21 -7.43
O5' DCZ A 1 6.09 -18.93 -6.06
H5 DCZ A 1 2.81 -16.80 -2.70
H6 DCZ A 1 3.62 -17.30 -4.96
HN41 DCZ A 1 -0.58 -17.79 -1.71
HN42 DCZ A 1 0.90 -16.96 -1.24
H1' DCZ A 1 1.46 -19.00 -7.51
H2'1 DCZ A 1 2.29 -16.32 -7.18
H2'2 DCZ A 1 2.19 -17.26 -8.70
H3' DCZ A 1 4.61 -16.85 -6.88
H4' DCZ A 1 4.18 -19.12 -8.86
H5'1 DCZ A 1 5.90 -20.28 -7.61
H5'2 DCZ A 1 6.51 -18.69 -8.07
HO51 DCZ A 1 5.46 -19.43 -5.50
N1 DCZ B 1 -12.81 17.04 -4.00
C2 DCZ B 1 -12.61 17.02 -5.39
N3 DCZ B 1 -12.08 18.08 -6.03
C4 DCZ B 1 -11.77 19.15 -5.33
C5 DCZ B 1 -11.98 19.27 -3.92
C6 DCZ B 1 -12.50 18.18 -3.28
O2 DCZ B 1 -12.90 16.03 -6.07
N4 DCZ B 1 -11.25 20.15 -5.99
C1' DCZ B 1 -13.27 15.81 -3.30
C2' DCZ B 1 -12.07 15.00 -2.78
C3' DCZ B 1 -12.67 14.28 -1.56
C4' DCZ B 1 -13.66 15.34 -1.04
O4' DCZ B 1 -14.07 16.12 -2.16
O3' DCZ B 1 -13.39 13.09 -1.94
C5' DCZ B 1 -13.10 16.23 0.10
O5' DCZ B 1 -11.87 16.87 -0.21
H5 DCZ B 1 -11.73 20.15 -3.36
H6 DCZ B 1 -12.67 18.20 -2.22
HN41 DCZ B 1 -11.10 20.01 -6.98
HN42 DCZ B 1 -10.97 20.98 -5.50
H1' DCZ B 1 -13.85 15.18 -3.97
H2'1 DCZ B 1 -11.26 15.67 -2.47
H2'2 DCZ B 1 -11.70 14.30 -3.53
H3' DCZ B 1 -11.90 14.07 -0.82
H4' DCZ B 1 -14.53 14.81 -0.64
H5'1 DCZ B 1 -13.86 16.97 0.33
H5'2 DCZ B 1 -12.97 15.59 0.97
HO51 DCZ B 1 -11.60 17.42 0.56
C31 CWN C . 6.52 0.85 3.22
C32 CWN C . 6.92 1.55 1.97
C33 CWN C . 6.21 1.88 0.81
C34 CWN C . 7.09 2.65 -0.01
C35 CWN C . 8.27 2.78 0.64
O31 CWN C . 7.25 0.82 4.20
O21 CWN C . 2.40 -3.00 7.39
C21 CWN C . 2.53 -2.81 6.19
O11 CWN C . -3.22 -6.68 5.06
C03 CWN C . -6.05 -10.25 -2.37
C04 CWN C . -5.35 -9.39 -1.30
C05 CWN C . -6.23 -8.24 -0.80
N02 CWN C . -5.40 -7.30 -0.04
N01 CWN C . -5.13 -11.34 -2.92
C01 CWN C . -5.77 -11.98 -4.17
C02 CWN C . -4.90 -12.43 -1.85
C11 CWN C . -2.19 -6.38 4.47
N03 CWN C . -2.06 -6.59 3.12
C14 CWN C . 0.75 -4.39 5.52
N11 CWN C . -0.99 -5.40 6.47
C13 CWN C . 0.08 -5.14 4.52
N12 CWN C . 1.81 -3.54 5.27
C15 CWN C . 0.11 -4.59 6.72
N21 CWN C . 4.32 -1.05 6.45
O41 CWN C . 8.87 3.74 -1.94
CM1 CWN C . -1.94 -5.82 7.52
N22 CWN C . 5.30 0.20 3.23
O91 CWN C . 5.57 7.36 -7.05
C12 CWN C . -1.03 -5.70 5.11
N31 CWN C . 8.21 2.07 1.81
O51 CWN C . 5.89 9.86 -4.58
O61 CWN C . 7.81 6.12 1.14
C24 CWN C . 4.73 -0.42 4.36
N32 CWN C . 6.76 3.21 -1.25
O71 CWN C . 4.14 3.33 6.36
C25 CWN C . 5.08 -0.20 5.66
N41 CWN C . 7.92 5.12 -4.27
O81 CWN C . -1.09 -1.19 7.69
CM2 CWN C . 4.44 -1.09 7.92
N42 CWN C . 5.81 4.81 -3.59
C22 CWN C . 3.49 -1.81 5.63
N43 CWN C . 4.73 6.17 -5.28
C23 CWN C . 3.70 -1.40 4.33
N91 CWN C . 3.87 9.03 -3.99
N51 CWN C . 7.14 8.13 -2.52
N52 CWN C . 5.77 6.13 0.12
CM3 CWN C . 9.39 1.84 2.67
N61 CWN C . 6.72 4.74 3.44
N62 CWN C . 3.70 2.97 4.16
C41 CWN C . 7.67 3.81 -2.14
N71 CWN C . 1.91 1.72 7.20
C42 CWN C . 7.09 4.54 -3.32
C43 CWN C . 5.83 5.60 -4.71
N72 CWN C . -0.22 -0.70 5.63
C44 CWN C . 7.12 5.80 -5.15
CM4 CWN C . 9.39 5.03 -4.41
C91 CWN C . 4.62 7.04 -6.33
C08 CWN C . -3.07 -7.32 2.35
C51 CWN C . 5.23 9.14 -3.84
C54 CWN C . 6.08 6.92 -0.99
C53 CWN C . 5.11 7.52 -1.82
C55 CWN C . 7.33 7.30 -1.42
CM5 CWN C . 8.25 8.69 -3.31
C52 CWN C . 5.78 8.29 -2.75
C61 CWN C . 6.64 5.76 1.14
C63 CWN C . 4.83 4.30 2.35
C64 CWN C . 4.77 3.71 3.63
C65 CWN C . 5.94 3.97 4.29
CM6 CWN C . 8.05 5.24 3.83
C62 CWN C . 6.04 4.96 2.25
C71 CWN C . 3.47 2.75 5.51
C74 CWN C . 0.73 0.27 6.01
C75 CWN C . 0.92 0.75 7.27
CM7 CWN C . 2.31 2.53 8.37
C72 CWN C . 2.37 1.82 5.87
C81 CWN C . -1.13 -1.35 6.47
C92 CWN C . 3.22 7.66 -6.55
C93 CWN C . 3.20 9.20 -6.44
C94 CWN C . 3.09 9.75 -5.00
C73 CWN C . 1.64 0.92 5.12
C07 CWN C . -4.22 -6.40 1.90
C06 CWN C . -5.37 -7.22 1.33
O01 CWN C . -6.18 -7.81 2.03
C82 CWN C . -2.13 -2.20 5.78
C84 CWN C . -3.24 -2.75 6.42
CM8 CWN C . -3.60 -2.54 7.87
S81 CWN C . -4.28 -3.63 5.35
C83 CWN C . -3.13 -3.30 4.09
N81 CWN C . -2.09 -2.54 4.43
H33 CWN C . 5.17 1.65 0.60
H35 CWN C . 9.18 3.32 0.36
H031 CWN C . -6.95 -10.70 -1.96
H032 CWN C . -6.32 -9.60 -3.20
H042 CWN C . -4.43 -8.98 -1.73
H041 CWN C . -5.04 -10.02 -0.44
H052 CWN C . -7.05 -8.64 -0.19
H051 CWN C . -6.67 -7.71 -1.66
HN02 CWN C . -4.68 -6.78 -0.55
HN01 CWN C . -4.21 -10.92 -3.19
H004 CWN C . -6.71 -12.46 -3.88
H005 CWN C . -5.07 -12.71 -4.58
H006 CWN C . -5.96 -11.20 -4.90
H001 CWN C . -4.26 -13.20 -2.26
H002 CWN C . -5.88 -12.86 -1.57
H003 CWN C . -4.43 -11.98 -0.98
HN03 CWN C . -1.15 -6.39 2.71
H13 CWN C . 0.35 -5.18 3.49
HN1 CWN C . 2.08 -3.38 4.29
H15 CWN C . 0.31 -4.18 7.70
H112 CWN C . -1.59 -5.47 8.50
H111 CWN C . -2.00 -6.92 7.54
H113 CWN C . -2.93 -5.40 7.33
HN2 CWN C . 4.84 0.09 2.33
HN3 CWN C . 5.80 3.20 -1.56
H25 CWN C . 5.81 0.48 6.09
H223 CWN C . 5.19 -0.36 8.26
H222 CWN C . 4.75 -2.09 8.24
H221 CWN C . 3.48 -0.83 8.38
HN4 CWN C . 3.84 5.91 -4.86
H23 CWN C . 3.21 -1.77 3.44
HN9 CWN C . 3.38 8.48 -3.30
HN5 CWN C . 4.80 5.87 0.28
H332 CWN C . 9.49 0.77 2.88
H331 CWN C . 9.27 2.39 3.61
H333 CWN C . 10.30 2.18 2.16
HN6 CWN C . 2.98 2.61 3.53
HN7 CWN C . -0.36 -0.89 4.64
H44 CWN C . 7.50 6.36 -5.99
H443 CWN C . 9.88 5.53 -3.55
H442 CWN C . 9.71 5.52 -5.33
H441 CWN C . 9.70 3.98 -4.44
H081 CWN C . -2.61 -7.76 1.46
H082 CWN C . -3.48 -8.13 2.96
H53 CWN C . 4.04 7.42 -1.71
H55 CWN C . 8.31 7.04 -1.05
H553 CWN C . 9.21 8.25 -2.98
H551 CWN C . 8.30 9.77 -3.18
H552 CWN C . 8.10 8.46 -4.37
H63 CWN C . 4.05 4.24 1.59
H65 CWN C . 6.27 3.69 5.27
H663 CWN C . 8.26 4.99 4.88
H661 CWN C . 8.09 6.33 3.71
H662 CWN C . 8.83 4.78 3.20
H75 CWN C . 0.43 0.52 8.20
H771 CWN C . 2.24 3.59 8.13
H773 CWN C . 3.34 2.27 8.65
H772 CWN C . 1.64 2.31 9.21
H921 CWN C . 2.90 7.40 -7.56
H922 CWN C . 2.50 7.20 -5.86
H932 CWN C . 2.36 9.59 -7.01
H931 CWN C . 4.10 9.61 -6.91
H942 CWN C . 2.04 9.73 -4.70
H943 CWN C . 3.39 10.81 -5.00
H73 CWN C . 1.72 0.74 4.06
H072 CWN C . -4.61 -5.84 2.75
H071 CWN C . -3.87 -5.68 1.16
H883 CWN C . -2.85 -2.99 8.54
H881 CWN C . -4.57 -3.01 8.11
H882 CWN C . -3.70 -1.48 8.12
H83 CWN C . -3.31 -3.69 3.11
N1 DCZ A 1 2.42 -17.70 -5.40
C2 DCZ A 1 1.10 -18.01 -5.02
N3 DCZ A 1 0.70 -17.82 -3.73
C4 DCZ A 1 1.55 -17.31 -2.88
C5 DCZ A 1 2.87 -16.91 -3.22
C6 DCZ A 1 3.27 -17.13 -4.50
O2 DCZ A 1 0.28 -18.47 -5.81
N4 DCZ A 1 1.13 -17.17 -1.65
C1' DCZ A 1 2.85 -17.95 -6.81
C2' DCZ A 1 3.15 -16.65 -7.55
C3' DCZ A 1 4.67 -16.60 -7.66
C4' DCZ A 1 4.98 -18.10 -7.70
O4' DCZ A 1 4.04 -18.72 -6.83
O3' DCZ A 1 5.09 -15.94 -8.85
C5' DCZ A 1 6.43 -18.44 -7.26
O5' DCZ A 1 6.69 -18.11 -5.90
H5 DCZ A 1 3.55 -16.45 -2.51
H6 DCZ A 1 4.28 -16.85 -4.81
HN41 DCZ A 1 0.18 -17.44 -1.43
HN42 DCZ A 1 1.72 -16.71 -0.98
H1' DCZ A 1 2.06 -18.49 -7.36
H2'1 DCZ A 1 2.78 -15.78 -7.00
H2'2 DCZ A 1 2.70 -16.69 -8.53
H3' DCZ A 1 5.11 -16.16 -6.77
H4' DCZ A 1 4.82 -18.47 -8.72
H5'1 DCZ A 1 6.60 -19.51 -7.42
H5'2 DCZ A 1 7.12 -17.90 -7.91
HO51 DCZ A 1 6.13 -18.69 -5.33
N1 DCZ B 1 -11.59 16.75 -4.67
C2 DCZ B 1 -10.80 16.69 -5.83
N3 DCZ B 1 -9.92 17.69 -6.11
C4 DCZ B 1 -9.82 18.70 -5.27
C5 DCZ B 1 -10.59 18.82 -4.09
C6 DCZ B 1 -11.48 17.82 -3.82
O2 DCZ B 1 -10.89 15.76 -6.62
N4 DCZ B 1 -8.95 19.62 -5.57
C1' DCZ B 1 -12.49 15.62 -4.32
C2' DCZ B 1 -11.85 14.71 -3.27
C3' DCZ B 1 -13.06 14.13 -2.57
C4' DCZ B 1 -14.06 15.29 -2.63
O4' DCZ B 1 -13.69 16.10 -3.74
O3' DCZ B 1 -13.64 13.02 -3.25
C5' DCZ B 1 -14.15 16.11 -1.33
O5' DCZ B 1 -12.91 16.62 -0.84
H5 DCZ B 1 -10.51 19.66 -3.41
H6 DCZ B 1 -12.09 17.86 -2.93
HN41 DCZ B 1 -8.40 19.48 -6.41
HN42 DCZ B 1 -8.81 20.40 -4.95
H1' DCZ B 1 -12.73 15.01 -5.20
H2'1 DCZ B 1 -11.26 15.31 -2.55
H2'2 DCZ B 1 -11.21 13.95 -3.72
H3' DCZ B 1 -12.84 13.86 -1.53
H4' DCZ B 1 -15.06 14.88 -2.81
H5'1 DCZ B 1 -14.84 16.94 -1.50
H5'2 DCZ B 1 -14.60 15.47 -0.56
HO51 DCZ B 1 -12.40 15.92 -0.40
C31 CWN C . 6.47 0.73 3.29
C32 CWN C . 6.86 1.44 2.04
C33 CWN C . 6.16 1.74 0.88
C34 CWN C . 7.02 2.50 0.05
C35 CWN C . 8.21 2.68 0.71
O31 CWN C . 7.21 0.69 4.26
O21 CWN C . 2.24 -2.82 7.61
C21 CWN C . 2.39 -2.69 6.41
O11 CWN C . -3.28 -6.77 5.54
C03 CWN C . -6.14 -10.81 -1.84
C04 CWN C . -5.31 -10.03 -0.80
C05 CWN C . -6.16 -8.98 -0.05
N02 CWN C . -5.27 -7.99 0.55
N01 CWN C . -5.26 -11.69 -2.72
C01 CWN C . -6.02 -12.11 -3.98
C02 CWN C . -4.84 -12.94 -1.94
C11 CWN C . -2.28 -6.47 4.90
N03 CWN C . -2.18 -6.75 3.57
C14 CWN C . 0.60 -4.29 5.79
N11 CWN C . -1.11 -5.29 6.82
C13 CWN C . -0.07 -5.12 4.85
N12 CWN C . 1.66 -3.45 5.50
C15 CWN C . -0.04 -4.43 7.00
N21 CWN C . 4.20 -0.95 6.58
O41 CWN C . 8.81 3.69 -1.84
CM1 CWN C . -2.01 -5.69 7.90
N22 CWN C . 5.23 0.10 3.32
O91 CWN C . 5.31 6.68 -7.23
C12 CWN C . -1.15 -5.68 5.47
N31 CWN C . 8.12 2.02 1.92
O51 CWN C . 5.63 9.32 -5.04
O61 CWN C . 7.52 6.06 0.98
C24 CWN C . 4.65 -0.45 4.46
N32 CWN C . 6.71 3.02 -1.20
O71 CWN C . 3.95 3.45 6.32
C25 CWN C . 5.00 -0.18 5.75
N41 CWN C . 7.82 4.88 -4.27
O81 CWN C . -1.41 -0.86 7.86
CM2 CWN C . 4.29 -0.86 8.05
N42 CWN C . 5.71 4.39 -3.61
C22 CWN C . 3.35 -1.73 5.80
N43 CWN C . 4.56 5.50 -5.42
C23 CWN C . 3.60 -1.41 4.48
N91 CWN C . 3.61 8.56 -4.39
N51 CWN C . 6.86 7.92 -2.75
N52 CWN C . 5.49 6.01 -0.05
CM3 CWN C . 9.28 1.95 2.83
N61 CWN C . 6.48 4.75 3.32
N62 CWN C . 3.48 2.98 4.14
C41 CWN C . 7.61 3.66 -2.07
N71 CWN C . 1.77 1.85 7.26
C42 CWN C . 7.00 4.27 -3.30
C43 CWN C . 5.71 5.09 -4.80
N72 CWN C . -0.43 -0.57 5.81
C44 CWN C . 6.98 5.37 -5.23
CM4 CWN C . 9.29 4.97 -4.34
C91 CWN C . 4.39 6.34 -6.50
C08 CWN C . -3.22 -7.50 2.83
C51 CWN C . 4.96 8.70 -4.23
C54 CWN C . 5.80 6.75 -1.18
C53 CWN C . 4.83 7.26 -2.08
C55 CWN C . 7.04 7.14 -1.61
CM5 CWN C . 7.97 8.55 -3.47
C52 CWN C . 5.50 7.98 -3.04
C61 CWN C . 6.36 5.69 0.99
C63 CWN C . 4.57 4.25 2.27
C64 CWN C . 4.54 3.70 3.57
C65 CWN C . 5.72 4.00 4.20
CM6 CWN C . 7.79 5.30 3.69
C62 CWN C . 5.77 4.91 2.13
C71 CWN C . 3.28 2.82 5.51
C74 CWN C . 0.55 0.37 6.14
C75 CWN C . 0.76 0.90 7.38
CM7 CWN C . 2.18 2.69 8.39
C72 CWN C . 2.20 1.89 5.93
C81 CWN C . -1.37 -1.14 6.67
C92 CWN C . 2.96 6.84 -6.69
C93 CWN C . 2.87 8.38 -6.82
C94 CWN C . 2.82 9.15 -5.48
C73 CWN C . 1.46 0.96 5.23
C07 CWN C . -4.33 -6.56 2.30
C06 CWN C . -5.50 -7.37 1.76
O01 CWN C . -6.54 -7.52 2.38
C82 CWN C . -2.33 -2.10 6.01
C84 CWN C . -3.46 -2.61 6.66
CM8 CWN C . -3.90 -2.28 8.07
S81 CWN C . -4.42 -3.62 5.63
C83 CWN C . -3.22 -3.37 4.39
N81 CWN C . -2.21 -2.58 4.71
H33 CWN C . 5.14 1.47 0.66
H35 CWN C . 9.11 3.21 0.42
H031 CWN C . -6.90 -11.43 -1.35
H032 CWN C . -6.66 -10.10 -2.49
H042 CWN C . -4.50 -9.52 -1.33
H041 CWN C . -4.85 -10.71 -0.09
H052 CWN C . -6.76 -9.48 0.73
H051 CWN C . -6.84 -8.47 -0.73
HN02 CWN C . -4.39 -7.76 0.09
HN01 CWN C . -4.40 -11.16 -3.00
H004 CWN C . -6.91 -12.68 -3.71
H005 CWN C . -5.35 -12.73 -4.60
H006 CWN C . -6.30 -11.23 -4.55
H001 CWN C . -4.21 -13.56 -2.57
H002 CWN C . -5.73 -13.50 -1.65
H003 CWN C . -4.30 -12.64 -1.04
HN03 CWN C . -1.29 -6.58 3.12
H13 CWN C . 0.20 -5.22 3.81
HN1 CWN C . 1.94 -3.36 4.52
H15 CWN C . 0.16 -3.95 7.96
H112 CWN C . -3.02 -5.35 7.69
H111 CWN C . -1.67 -5.25 8.85
H113 CWN C . -2.00 -6.78 8.01
HN2 CWN C . 4.78 -0.03 2.41
HN3 CWN C . 5.77 2.92 -1.55
H25 CWN C . 5.74 0.49 6.15
H223 CWN C . 3.33 -0.53 8.46
H222 CWN C . 5.06 -0.14 8.33
H221 CWN C . 4.56 -1.85 8.46
HN4 CWN C . 3.70 5.18 -5.00
H23 CWN C . 3.10 -1.83 3.62
HN9 CWN C . 3.11 8.14 -3.61
HN5 CWN C . 4.52 5.76 0.12
H332 CWN C . 9.50 0.90 3.06
H331 CWN C . 9.05 2.50 3.76
H333 CWN C . 10.16 2.40 2.36
HN6 CWN C . 2.75 2.61 3.55
HN7 CWN C . -0.55 -0.82 4.83
H44 CWN C . 7.31 5.89 -6.11
H443 CWN C . 9.67 5.55 -3.48
H442 CWN C . 9.58 5.48 -5.26
H441 CWN C . 9.72 3.96 -4.33
H081 CWN C . -2.76 -8.05 2.00
H082 CWN C . -3.67 -8.25 3.50
H53 CWN C . 3.76 7.12 -1.99
H55 CWN C . 8.03 6.95 -1.20
H553 CWN C . 7.84 9.65 -3.47
H551 CWN C . 7.98 8.20 -4.51
H552 CWN C . 8.92 8.31 -3.00
H63 CWN C . 3.80 4.15 1.52
H65 CWN C . 6.07 3.75 5.19
H663 CWN C . 8.03 5.04 4.74
H661 CWN C . 7.76 6.40 3.60
H662 CWN C . 8.56 4.91 3.04
H75 CWN C . 0.27 0.71 8.32
H771 CWN C . 3.23 2.47 8.66
H773 CWN C . 1.55 2.49 9.27
H772 CWN C . 2.09 3.74 8.13
H921 CWN C . 2.57 6.41 -7.61
H922 CWN C . 2.31 6.49 -5.88
H932 CWN C . 1.98 8.65 -7.39
H931 CWN C . 3.73 8.76 -7.40
H942 CWN C . 1.77 9.19 -5.15
H943 CWN C . 3.14 10.18 -5.65
H73 CWN C . 1.54 0.74 4.17
H072 CWN C . -4.70 -5.91 3.11
H071 CWN C . -3.94 -5.93 1.51
H883 CWN C . -3.16 -2.62 8.80
H881 CWN C . -4.84 -2.78 8.30
H882 CWN C . -4.05 -1.20 8.20
H83 CWN C . -3.35 -3.86 3.44
N1 DCZ A 1 1.64 -18.66 -6.28
C2 DCZ A 1 0.50 -19.18 -5.64
N3 DCZ A 1 0.20 -18.83 -4.36
C4 DCZ A 1 1.00 -17.99 -3.73
C5 DCZ A 1 2.19 -17.47 -4.31
C6 DCZ A 1 2.49 -17.82 -5.59
O2 DCZ A 1 -0.26 -19.97 -6.20
N4 DCZ A 1 0.62 -17.64 -2.54
C1' DCZ A 1 1.86 -18.95 -7.72
C2' DCZ A 1 1.99 -17.69 -8.57
C3' DCZ A 1 3.46 -17.65 -8.97
C4' DCZ A 1 3.73 -19.16 -9.06
O4' DCZ A 1 3.07 -19.69 -7.91
O3' DCZ A 1 3.67 -16.99 -10.22
C5' DCZ A 1 5.23 -19.53 -9.06
O5' DCZ A 1 5.90 -19.16 -7.86
H5 DCZ A 1 2.84 -16.78 -3.78
H6 DCZ A 1 3.37 -17.43 -6.07
HN41 DCZ A 1 -0.26 -17.98 -2.20
HN42 DCZ A 1 1.13 -16.88 -2.09
H1' DCZ A 1 1.03 -19.54 -8.11
H2'1 DCZ A 1 1.70 -16.78 -8.04
H2'2 DCZ A 1 1.36 -17.79 -9.46
H3' DCZ A 1 4.08 -17.22 -8.18
H4' DCZ A 1 3.27 -19.54 -9.97
H5'1 DCZ A 1 5.31 -20.61 -9.20
H5'2 DCZ A 1 5.70 -19.05 -9.91
HO51 DCZ A 1 5.50 -19.64 -7.11
N1 DCZ B 1 -12.45 17.86 -3.64
C2 DCZ B 1 -11.90 18.06 -4.92
N3 DCZ B 1 -11.27 19.23 -5.21
C4 DCZ B 1 -11.19 20.15 -4.28
C5 DCZ B 1 -11.72 20.01 -2.97
C6 DCZ B 1 -12.35 18.85 -2.69
O2 DCZ B 1 -11.98 17.21 -5.80
N4 DCZ B 1 -10.57 21.25 -4.63
C1' DCZ B 1 -13.10 16.56 -3.31
C2' DCZ B 1 -12.19 15.69 -2.43
C3' DCZ B 1 -13.20 14.86 -1.64
C4' DCZ B 1 -14.37 15.83 -1.50
O4' DCZ B 1 -14.29 16.78 -2.56
O3' DCZ B 1 -13.65 13.71 -2.34
C5' DCZ B 1 -14.47 16.53 -0.13
O5' DCZ B 1 -13.28 17.21 0.28
H5 DCZ B 1 -11.64 20.79 -2.22
H6 DCZ B 1 -12.78 18.68 -1.71
HN41 DCZ B 1 -10.20 21.31 -5.57
HN42 DCZ B 1 -10.47 21.99 -3.96
H1' DCZ B 1 -13.34 16.01 -4.23
H2'1 DCZ B 1 -11.61 16.31 -1.75
H2'2 DCZ B 1 -11.53 15.08 -3.04
H3' DCZ B 1 -12.79 14.59 -0.66
H4' DCZ B 1 -15.30 15.26 -1.63
H5'1 DCZ B 1 -15.29 17.24 -0.17
H5'2 DCZ B 1 -14.71 15.77 0.61
HO51 DCZ B 1 -13.42 17.61 1.17
C31 CWN C . 6.51 0.69 2.82
C32 CWN C . 6.80 1.35 1.52
C33 CWN C . 5.97 1.88 0.55
C34 CWN C . 6.80 2.59 -0.36
C35 CWN C . 8.11 2.41 0.00
O31 CWN C . 7.34 0.61 3.71
O21 CWN C . 2.60 -3.00 7.32
C21 CWN C . 2.66 -2.82 6.11
O11 CWN C . -2.88 -7.11 5.44
C03 CWN C . -6.49 -10.28 -2.02
C04 CWN C . -5.66 -9.48 -1.01
C05 CWN C . -6.46 -8.36 -0.33
N02 CWN C . -5.55 -7.50 0.42
N01 CWN C . -5.68 -11.36 -2.72
C01 CWN C . -6.45 -11.87 -3.95
C02 CWN C . -5.42 -12.54 -1.79
C11 CWN C . -1.95 -6.69 4.76
N03 CWN C . -1.94 -6.86 3.40
C14 CWN C . 0.89 -4.47 5.56
N11 CWN C . -0.64 -5.65 6.66
C13 CWN C . 0.19 -5.26 4.62
N12 CWN C . 1.88 -3.56 5.22
C15 CWN C . 0.38 -4.73 6.82
N21 CWN C . 4.55 -1.16 6.22
O41 CWN C . 8.31 4.49 -1.87
CM1 CWN C . -1.43 -6.16 7.79
N22 CWN C . 5.24 0.14 2.96
O91 CWN C . 4.59 7.39 -7.12
C12 CWN C . -0.80 -5.92 5.30
N31 CWN C . 8.12 1.65 1.16
O51 CWN C . 4.96 10.03 -4.58
O61 CWN C . 7.46 6.34 1.01
C24 CWN C . 4.75 -0.48 4.11
N32 CWN C . 6.35 3.39 -1.42
O71 CWN C . 4.39 3.07 6.23
C25 CWN C . 5.25 -0.31 5.38
N41 CWN C . 7.17 5.76 -4.19
O81 CWN C . -0.97 -1.19 7.88
CM2 CWN C . 4.88 -1.32 7.65
N42 CWN C . 5.13 5.01 -3.60
C22 CWN C . 3.59 -1.85 5.47
N43 CWN C . 3.87 6.19 -5.31
C23 CWN C . 3.69 -1.42 4.17
N91 CWN C . 3.06 8.98 -3.93
N51 CWN C . 6.42 8.63 -2.42
N52 CWN C . 5.35 6.35 0.14
CM3 CWN C . 9.36 1.26 1.84
N61 CWN C . 6.69 4.47 3.07
N62 CWN C . 3.65 2.88 4.09
C41 CWN C . 7.13 4.29 -2.16
N71 CWN C . 2.25 1.44 7.24
C42 CWN C . 6.43 4.99 -3.29
C43 CWN C . 5.04 5.81 -4.70
N72 CWN C . -0.14 -0.78 5.78
C44 CWN C . 6.26 6.27 -5.09
CM4 CWN C . 8.62 5.96 -4.29
C91 CWN C . 3.69 7.05 -6.36
C08 CWN C . -2.98 -7.62 2.69
C51 CWN C . 4.40 9.28 -3.81
C54 CWN C . 5.54 7.23 -0.92
C53 CWN C . 4.50 7.71 -1.74
C55 CWN C . 6.73 7.79 -1.35
CM5 CWN C . 7.43 9.42 -3.14
C52 CWN C . 5.06 8.55 -2.67
C61 CWN C . 6.30 5.91 1.05
C63 CWN C . 4.60 4.34 2.27
C64 CWN C . 4.69 3.59 3.47
C65 CWN C . 5.96 3.69 3.96
CM6 CWN C . 8.13 4.69 3.22
C62 CWN C . 5.83 4.94 2.08
C71 CWN C . 3.60 2.58 5.44
C74 CWN C . 0.86 0.15 6.10
C75 CWN C . 1.23 0.52 7.36
CM7 CWN C . 2.88 2.07 8.41
C72 CWN C . 2.51 1.65 5.88
C81 CWN C . -0.99 -1.42 6.67
C92 CWN C . 2.27 7.61 -6.52
C93 CWN C . 2.24 9.16 -6.34
C94 CWN C . 2.16 9.65 -4.88
C73 CWN C . 1.67 0.84 5.17
C07 CWN C . -4.18 -6.73 2.30
C06 CWN C . -5.33 -7.57 1.77
O01 CWN C . -6.01 -8.29 2.50
C82 CWN C . -1.95 -2.39 6.04
C84 CWN C . -2.99 -3.00 6.72
CM8 CWN C . -3.30 -2.82 8.18
S81 CWN C . -4.00 -3.99 5.70
C83 CWN C . -2.91 -3.59 4.40
N81 CWN C . -1.92 -2.75 4.69
H33 CWN C . 4.89 1.86 0.54
H35 CWN C . 9.03 2.75 -0.46
H031 CWN C . -7.34 -10.76 -1.51
H032 CWN C . -6.89 -9.60 -2.78
H042 CWN C . -4.82 -9.03 -1.54
H041 CWN C . -5.24 -10.14 -0.24
H052 CWN C . -7.23 -8.80 0.34
H051 CWN C . -6.98 -7.75 -1.08
HN02 CWN C . -4.92 -6.90 -0.10
HN01 CWN C . -4.76 -10.96 -3.03
H004 CWN C . -7.39 -12.32 -3.62
H005 CWN C . -5.86 -12.61 -4.47
H006 CWN C . -6.66 -11.03 -4.61
H001 CWN C . -6.37 -12.98 -1.48
H002 CWN C . -4.88 -12.19 -0.91
H003 CWN C . -4.82 -13.29 -2.31
HN03 CWN C . -1.10 -6.57 2.91
H13 CWN C . 0.37 -5.27 3.56
HN1 CWN C . 2.08 -3.39 4.24
H15 CWN C . 0.66 -4.34 7.79
H112 CWN C . -1.67 -7.22 7.63
H111 CWN C . -2.37 -5.61 7.88
H113 CWN C . -0.86 -6.07 8.72
HN2 CWN C . 4.73 0.05 2.09
HN3 CWN C . 5.37 3.32 -1.70
H25 CWN C . 6.06 0.32 5.75
H223 CWN C . 5.09 -2.38 7.86
H222 CWN C . 4.06 -0.96 8.26
H221 CWN C . 5.79 -0.74 7.88
HN4 CWN C . 3.01 5.83 -4.89
H23 CWN C . 3.10 -1.75 3.32
HN9 CWN C . 2.66 8.39 -3.21
HN5 CWN C . 4.41 6.01 0.31
H332 CWN C . 10.22 1.38 1.15
H331 CWN C . 9.31 0.21 2.13
H333 CWN C . 9.52 1.89 2.71
HN6 CWN C . 2.83 2.63 3.55
HN7 CWN C . -0.32 -0.99 4.80
H44 CWN C . 6.56 6.92 -5.89
H443 CWN C . 8.86 6.51 -5.21
H442 CWN C . 9.15 5.00 -4.30
H441 CWN C . 8.97 6.55 -3.42
H081 CWN C . -2.55 -8.06 1.77
H082 CWN C . -3.33 -8.45 3.32
H53 CWN C . 3.46 7.45 -1.64
H55 CWN C . 7.74 7.67 -0.99
H553 CWN C . 7.15 10.48 -3.13
H551 CWN C . 7.51 9.08 -4.18
H552 CWN C . 8.41 9.31 -2.65
H63 CWN C . 3.72 4.45 1.67
H65 CWN C . 6.42 3.25 4.83
H663 CWN C . 8.63 4.46 2.27
H661 CWN C . 8.53 4.04 4.00
H662 CWN C . 8.32 5.74 3.48
H75 CWN C . 0.86 0.21 8.33
H771 CWN C . 2.79 3.16 8.33
H773 CWN C . 3.94 1.78 8.45
H772 CWN C . 2.38 1.74 9.33
H921 CWN C . 1.94 7.38 -7.53
H922 CWN C . 1.57 7.12 -5.83
H932 CWN C . 1.36 9.55 -6.87
H931 CWN C . 3.12 9.59 -6.83
H942 CWN C . 1.13 9.50 -4.52
H943 CWN C . 2.36 10.71 -4.88
H73 CWN C . 1.61 0.74 4.08
H072 CWN C . -4.54 -6.18 3.17
H071 CWN C . -3.89 -5.99 1.55
H883 CWN C . -4.16 -3.44 8.48
H881 CWN C . -3.55 -1.78 8.42
H882 CWN C . -2.46 -3.13 8.82
H83 CWN C . -3.08 -4.02 3.43
#